data_1P17
#
_entry.id   1P17
#
_cell.length_a   157.315
_cell.length_b   122.878
_cell.length_c   52.121
_cell.angle_alpha   90.00
_cell.angle_beta   90.00
_cell.angle_gamma   90.00
#
_symmetry.space_group_name_H-M   'P 21 21 2'
#
loop_
_entity.id
_entity.type
_entity.pdbx_description
1 polymer 'hypoxanthine phosphoribosyltransferase'
2 non-polymer 'INOSINIC ACID'
3 water water
#
_entity_poly.entity_id   1
_entity_poly.type   'polypeptide(L)'
_entity_poly.pdbx_seq_one_letter_code
;MPREYEFAEKILFTEEEIRTRIKEVAKRIADDYKGKGLRPYVNPLVLISVLRGSFMFTADLCRALCDFNVPVRMEFICVS
SYGEGLTSSGQVRMLLDTRHSIEGHHVLIVEDIVDTALTLNYLYHMYFTRRPASLKTVVLLDKREGRRVPFSADYVVANI
PNAFVIGYGLDYDDTYRELRDIVVLRPEVYAEREAARQKKQRAIGSADTDRDAKREFHSKY
;
_entity_poly.pdbx_strand_id   A,B,C,D
#
loop_
_chem_comp.id
_chem_comp.type
_chem_comp.name
_chem_comp.formula
IMP non-polymer 'INOSINIC ACID' 'C10 H13 N4 O8 P'
#
# COMPACT_ATOMS: atom_id res chain seq x y z
N PRO A 2 18.57 22.24 31.56
CA PRO A 2 17.97 21.27 30.62
C PRO A 2 16.50 21.54 30.40
N ARG A 3 15.89 20.79 29.49
CA ARG A 3 14.47 20.95 29.21
C ARG A 3 13.67 20.35 30.35
N GLU A 4 12.52 20.94 30.60
CA GLU A 4 11.62 20.48 31.65
C GLU A 4 10.45 19.76 31.00
N TYR A 5 10.08 18.60 31.54
CA TYR A 5 8.95 17.85 31.00
C TYR A 5 8.03 17.45 32.15
N GLU A 6 6.95 18.21 32.30
CA GLU A 6 5.97 17.97 33.34
C GLU A 6 5.49 16.53 33.35
N PHE A 7 5.16 16.02 32.17
CA PHE A 7 4.67 14.66 32.01
C PHE A 7 5.77 13.61 32.14
N ALA A 8 7.02 14.07 32.18
CA ALA A 8 8.15 13.16 32.30
C ALA A 8 8.60 13.06 33.74
N GLU A 9 9.05 11.87 34.11
CA GLU A 9 9.52 11.57 35.47
C GLU A 9 11.03 11.72 35.62
N LYS A 10 11.76 11.46 34.55
CA LYS A 10 13.21 11.59 34.57
C LYS A 10 13.69 11.43 33.13
N ILE A 11 14.87 11.97 32.83
CA ILE A 11 15.39 11.86 31.47
C ILE A 11 16.44 10.77 31.40
N LEU A 12 16.32 9.88 30.43
CA LEU A 12 17.29 8.79 30.28
C LEU A 12 18.48 9.20 29.42
N PHE A 13 18.22 9.97 28.37
CA PHE A 13 19.27 10.44 27.49
C PHE A 13 18.84 11.75 26.87
N THR A 14 19.80 12.64 26.68
CA THR A 14 19.53 13.94 26.10
C THR A 14 20.00 13.93 24.66
N GLU A 15 19.50 14.88 23.90
CA GLU A 15 19.87 14.99 22.50
C GLU A 15 21.37 14.83 22.37
N GLU A 16 22.13 15.66 23.08
CA GLU A 16 23.58 15.57 22.99
C GLU A 16 24.08 14.19 23.41
N GLU A 17 23.50 13.62 24.45
CA GLU A 17 23.93 12.29 24.89
C GLU A 17 23.70 11.28 23.77
N ILE A 18 22.56 11.42 23.11
CA ILE A 18 22.18 10.54 22.02
C ILE A 18 23.04 10.81 20.79
N ARG A 19 23.20 12.09 20.44
CA ARG A 19 24.01 12.46 19.29
C ARG A 19 25.36 11.76 19.36
N THR A 20 25.90 11.66 20.57
CA THR A 20 27.19 11.02 20.75
C THR A 20 27.17 9.52 20.53
N ARG A 21 26.31 8.80 21.24
CA ARG A 21 26.26 7.35 21.09
C ARG A 21 26.03 6.90 19.64
N ILE A 22 25.30 7.72 18.89
CA ILE A 22 25.02 7.40 17.50
C ILE A 22 26.29 7.50 16.66
N LYS A 23 27.09 8.51 16.93
CA LYS A 23 28.34 8.70 16.21
C LYS A 23 29.20 7.47 16.37
N GLU A 24 29.33 7.01 17.61
CA GLU A 24 30.13 5.82 17.89
C GLU A 24 29.56 4.60 17.19
N VAL A 25 28.24 4.48 17.11
CA VAL A 25 27.65 3.33 16.45
C VAL A 25 27.83 3.50 14.95
N ALA A 26 27.68 4.73 14.47
CA ALA A 26 27.86 5.01 13.05
C ALA A 26 29.28 4.58 12.70
N LYS A 27 30.21 5.00 13.55
CA LYS A 27 31.62 4.69 13.40
C LYS A 27 31.84 3.19 13.29
N ARG A 28 31.31 2.44 14.24
CA ARG A 28 31.47 1.00 14.25
C ARG A 28 30.96 0.39 12.95
N ILE A 29 29.77 0.78 12.54
CA ILE A 29 29.16 0.25 11.33
C ILE A 29 30.10 0.44 10.15
N ALA A 30 30.63 1.65 10.01
CA ALA A 30 31.55 1.97 8.93
C ALA A 30 32.76 1.04 8.97
N ASP A 31 33.25 0.75 10.17
CA ASP A 31 34.40 -0.14 10.36
C ASP A 31 34.09 -1.56 9.92
N ASP A 32 32.88 -2.03 10.24
CA ASP A 32 32.45 -3.37 9.89
C ASP A 32 32.24 -3.58 8.40
N TYR A 33 31.54 -2.65 7.75
CA TYR A 33 31.28 -2.76 6.33
C TYR A 33 32.39 -2.25 5.42
N LYS A 34 33.50 -1.81 6.01
CA LYS A 34 34.62 -1.28 5.24
C LYS A 34 35.23 -2.31 4.28
N GLY A 35 35.18 -3.59 4.63
CA GLY A 35 35.75 -4.59 3.76
C GLY A 35 34.79 -5.16 2.75
N LYS A 36 33.60 -4.57 2.64
CA LYS A 36 32.61 -5.08 1.71
C LYS A 36 32.67 -4.35 0.39
N GLY A 37 32.83 -3.03 0.46
CA GLY A 37 32.91 -2.26 -0.76
C GLY A 37 31.66 -1.50 -1.09
N LEU A 38 31.06 -0.86 -0.09
CA LEU A 38 29.85 -0.08 -0.34
C LEU A 38 30.18 1.02 -1.34
N ARG A 39 29.36 1.11 -2.38
CA ARG A 39 29.54 2.11 -3.41
C ARG A 39 28.15 2.63 -3.76
N PRO A 40 27.97 3.95 -3.87
CA PRO A 40 26.65 4.47 -4.20
C PRO A 40 26.03 3.90 -5.47
N TYR A 41 24.70 3.87 -5.50
CA TYR A 41 23.93 3.36 -6.63
C TYR A 41 23.96 1.85 -6.76
N VAL A 42 25.12 1.32 -7.15
CA VAL A 42 25.27 -0.11 -7.37
C VAL A 42 25.24 -1.02 -6.16
N ASN A 43 25.93 -0.65 -5.08
CA ASN A 43 25.95 -1.49 -3.89
C ASN A 43 26.04 -0.74 -2.57
N PRO A 44 24.99 0.01 -2.22
CA PRO A 44 25.01 0.77 -0.96
C PRO A 44 24.52 -0.03 0.26
N LEU A 45 24.60 0.60 1.43
CA LEU A 45 24.13 -0.02 2.65
C LEU A 45 22.65 0.34 2.74
N VAL A 46 21.80 -0.62 2.40
CA VAL A 46 20.38 -0.37 2.44
C VAL A 46 19.85 -0.29 3.85
N LEU A 47 19.29 0.85 4.20
CA LEU A 47 18.73 0.99 5.53
C LEU A 47 17.22 0.81 5.43
N ILE A 48 16.71 -0.19 6.14
CA ILE A 48 15.27 -0.39 6.15
C ILE A 48 14.76 0.25 7.43
N SER A 49 14.35 1.51 7.32
CA SER A 49 13.83 2.28 8.44
C SER A 49 12.40 1.79 8.73
N VAL A 50 12.16 1.31 9.95
CA VAL A 50 10.83 0.83 10.28
C VAL A 50 9.98 1.91 10.91
N LEU A 51 9.13 2.53 10.09
CA LEU A 51 8.23 3.56 10.57
C LEU A 51 7.41 2.90 11.67
N ARG A 52 6.98 3.67 12.65
CA ARG A 52 7.25 5.13 12.70
C ARG A 52 8.14 5.53 13.88
N GLY A 53 8.35 4.58 14.78
CA GLY A 53 9.17 4.84 15.94
C GLY A 53 10.60 5.23 15.63
N SER A 54 11.03 4.94 14.40
CA SER A 54 12.38 5.22 13.98
C SER A 54 12.54 6.39 13.00
N PHE A 55 11.49 7.18 12.80
CA PHE A 55 11.58 8.29 11.87
C PHE A 55 12.68 9.28 12.24
N MET A 56 12.78 9.63 13.51
CA MET A 56 13.79 10.58 13.97
C MET A 56 15.17 9.93 14.14
N PHE A 57 15.22 8.72 14.70
CA PHE A 57 16.50 8.05 14.87
C PHE A 57 17.13 7.92 13.48
N THR A 58 16.38 7.30 12.57
CA THR A 58 16.82 7.11 11.19
C THR A 58 17.42 8.37 10.57
N ALA A 59 16.73 9.49 10.74
CA ALA A 59 17.19 10.76 10.19
C ALA A 59 18.60 11.14 10.62
N ASP A 60 18.89 11.00 11.92
CA ASP A 60 20.21 11.36 12.43
C ASP A 60 21.24 10.32 12.06
N LEU A 61 20.86 9.06 12.24
CA LEU A 61 21.75 7.95 11.95
C LEU A 61 22.37 8.03 10.57
N CYS A 62 21.57 8.28 9.54
CA CYS A 62 22.12 8.33 8.21
C CYS A 62 23.01 9.56 8.01
N ARG A 63 22.73 10.64 8.72
CA ARG A 63 23.60 11.80 8.59
C ARG A 63 24.95 11.42 9.22
N ALA A 64 24.90 10.82 10.41
CA ALA A 64 26.14 10.41 11.06
C ALA A 64 26.92 9.42 10.17
N LEU A 65 26.20 8.57 9.44
CA LEU A 65 26.83 7.61 8.55
C LEU A 65 27.46 8.29 7.33
N CYS A 66 26.94 9.46 6.94
CA CYS A 66 27.51 10.20 5.80
C CYS A 66 28.87 10.71 6.25
N ASP A 67 28.96 11.14 7.51
CA ASP A 67 30.20 11.64 8.09
C ASP A 67 31.34 10.64 7.87
N PHE A 68 31.10 9.36 8.14
CA PHE A 68 32.11 8.33 7.93
C PHE A 68 32.05 7.83 6.49
N ASN A 69 31.44 8.66 5.67
CA ASN A 69 31.27 8.41 4.24
C ASN A 69 30.89 7.01 3.86
N VAL A 70 29.71 6.60 4.32
CA VAL A 70 29.16 5.29 4.02
C VAL A 70 27.97 5.51 3.09
N PRO A 71 28.02 4.94 1.90
CA PRO A 71 26.90 5.13 0.98
C PRO A 71 25.67 4.37 1.49
N VAL A 72 24.54 5.06 1.56
CA VAL A 72 23.31 4.44 2.04
C VAL A 72 22.12 4.65 1.10
N ARG A 73 21.15 3.74 1.20
CA ARG A 73 19.92 3.83 0.45
C ARG A 73 18.82 3.77 1.51
N MET A 74 17.98 4.80 1.53
CA MET A 74 16.90 4.86 2.51
C MET A 74 15.63 4.18 1.99
N GLU A 75 15.16 3.21 2.75
CA GLU A 75 13.94 2.47 2.43
C GLU A 75 13.03 2.67 3.63
N PHE A 76 11.79 3.05 3.38
CA PHE A 76 10.88 3.24 4.50
C PHE A 76 9.75 2.24 4.41
N ILE A 77 9.66 1.37 5.41
CA ILE A 77 8.62 0.36 5.45
C ILE A 77 7.71 0.61 6.64
N CYS A 78 6.42 0.34 6.44
CA CYS A 78 5.45 0.55 7.49
C CYS A 78 4.65 -0.72 7.81
N VAL A 79 4.61 -1.07 9.09
CA VAL A 79 3.87 -2.25 9.50
C VAL A 79 2.67 -1.86 10.38
N SER A 80 1.78 -2.81 10.58
CA SER A 80 0.57 -2.61 11.36
C SER A 80 0.23 -3.92 12.06
N SER A 81 -0.43 -3.84 13.22
CA SER A 81 -0.79 -5.04 13.96
C SER A 81 -2.10 -5.60 13.44
N TYR A 82 -2.45 -6.80 13.89
CA TYR A 82 -3.67 -7.47 13.47
C TYR A 82 -4.76 -7.55 14.52
N GLY A 83 -4.38 -8.03 15.71
CA GLY A 83 -5.33 -8.20 16.79
C GLY A 83 -5.59 -9.69 17.01
N THR A 87 -1.84 -12.73 18.14
CA THR A 87 -0.64 -13.32 17.47
C THR A 87 0.58 -13.34 18.39
N SER A 88 0.94 -14.54 18.84
CA SER A 88 2.11 -14.74 19.68
C SER A 88 3.24 -15.17 18.76
N SER A 89 3.05 -14.87 17.48
CA SER A 89 4.02 -15.18 16.41
C SER A 89 4.78 -13.91 16.05
N GLY A 90 4.14 -12.77 16.26
CA GLY A 90 4.77 -11.51 15.94
C GLY A 90 4.30 -11.01 14.59
N GLN A 91 3.52 -11.82 13.89
CA GLN A 91 3.01 -11.46 12.57
C GLN A 91 2.39 -10.05 12.60
N VAL A 92 2.69 -9.26 11.58
CA VAL A 92 2.14 -7.93 11.49
C VAL A 92 1.76 -7.71 10.04
N ARG A 93 0.97 -6.68 9.79
CA ARG A 93 0.53 -6.40 8.44
C ARG A 93 1.40 -5.38 7.72
N MET A 94 1.85 -5.75 6.52
CA MET A 94 2.68 -4.87 5.71
C MET A 94 1.82 -3.79 5.05
N LEU A 95 2.12 -2.53 5.34
CA LEU A 95 1.37 -1.42 4.74
C LEU A 95 2.23 -0.73 3.69
N LEU A 96 3.54 -0.72 3.91
CA LEU A 96 4.48 -0.12 2.96
C LEU A 96 5.70 -1.00 2.89
N ASP A 97 6.04 -1.43 1.68
CA ASP A 97 7.19 -2.31 1.47
C ASP A 97 8.33 -1.52 0.87
N THR A 98 9.51 -2.13 0.82
CA THR A 98 10.66 -1.46 0.25
C THR A 98 10.36 -1.19 -1.20
N ARG A 99 10.87 -0.10 -1.75
CA ARG A 99 10.59 0.19 -3.14
C ARG A 99 11.45 -0.63 -4.09
N HIS A 100 12.66 -0.98 -3.64
CA HIS A 100 13.58 -1.76 -4.44
C HIS A 100 13.90 -3.08 -3.77
N SER A 101 14.26 -4.08 -4.57
CA SER A 101 14.63 -5.39 -4.05
C SER A 101 15.88 -5.28 -3.15
N ILE A 102 15.91 -6.04 -2.06
CA ILE A 102 17.07 -6.01 -1.18
C ILE A 102 18.00 -7.20 -1.44
N GLU A 103 17.73 -7.91 -2.53
CA GLU A 103 18.51 -9.09 -2.88
C GLU A 103 19.90 -8.74 -3.42
N GLY A 104 20.91 -9.36 -2.81
CA GLY A 104 22.29 -9.14 -3.21
C GLY A 104 22.85 -7.84 -2.68
N HIS A 105 22.14 -7.24 -1.73
CA HIS A 105 22.53 -5.98 -1.13
C HIS A 105 22.77 -6.20 0.35
N HIS A 106 23.47 -5.27 0.97
CA HIS A 106 23.76 -5.37 2.38
C HIS A 106 22.68 -4.54 3.02
N VAL A 107 21.92 -5.15 3.93
CA VAL A 107 20.84 -4.45 4.58
C VAL A 107 21.08 -4.23 6.07
N LEU A 108 20.51 -3.14 6.57
CA LEU A 108 20.59 -2.77 7.98
C LEU A 108 19.21 -2.26 8.36
N ILE A 109 18.50 -3.04 9.17
CA ILE A 109 17.17 -2.68 9.61
C ILE A 109 17.33 -1.70 10.75
N VAL A 110 16.60 -0.60 10.70
CA VAL A 110 16.69 0.40 11.75
C VAL A 110 15.41 0.45 12.55
N GLU A 111 15.43 -0.14 13.74
CA GLU A 111 14.26 -0.15 14.61
C GLU A 111 14.46 0.85 15.76
N ASP A 112 13.37 1.27 16.39
CA ASP A 112 13.45 2.24 17.47
C ASP A 112 13.69 1.59 18.84
N ILE A 113 13.06 0.47 19.09
CA ILE A 113 13.24 -0.22 20.37
C ILE A 113 12.95 -1.70 20.20
N VAL A 114 13.52 -2.53 21.07
CA VAL A 114 13.30 -3.96 20.95
C VAL A 114 12.96 -4.56 22.32
N ASP A 115 11.68 -4.57 22.66
CA ASP A 115 11.19 -5.12 23.92
C ASP A 115 10.93 -6.62 23.76
N THR A 116 9.75 -6.97 23.26
CA THR A 116 9.42 -8.37 23.07
C THR A 116 10.18 -8.96 21.89
N ALA A 117 10.51 -8.11 20.92
CA ALA A 117 11.26 -8.51 19.73
C ALA A 117 10.42 -9.37 18.79
N LEU A 118 9.11 -9.43 19.03
CA LEU A 118 8.25 -10.21 18.17
C LEU A 118 8.20 -9.60 16.78
N THR A 119 7.86 -8.32 16.67
CA THR A 119 7.81 -7.67 15.37
C THR A 119 9.17 -7.75 14.67
N LEU A 120 10.24 -7.35 15.36
CA LEU A 120 11.59 -7.36 14.80
C LEU A 120 12.07 -8.71 14.28
N ASN A 121 11.79 -9.78 15.02
CA ASN A 121 12.19 -11.12 14.62
C ASN A 121 11.42 -11.46 13.35
N TYR A 122 10.16 -11.05 13.31
CA TYR A 122 9.33 -11.31 12.15
C TYR A 122 9.90 -10.56 10.94
N LEU A 123 10.20 -9.28 11.13
CA LEU A 123 10.77 -8.50 10.04
C LEU A 123 12.13 -9.07 9.63
N TYR A 124 12.95 -9.40 10.61
CA TYR A 124 14.25 -9.97 10.30
C TYR A 124 14.08 -11.20 9.41
N HIS A 125 13.37 -12.22 9.91
CA HIS A 125 13.12 -13.44 9.15
C HIS A 125 12.66 -13.13 7.72
N MET A 126 11.59 -12.36 7.61
CA MET A 126 11.02 -11.97 6.32
C MET A 126 12.10 -11.50 5.34
N TYR A 127 12.74 -10.37 5.64
CA TYR A 127 13.78 -9.82 4.78
C TYR A 127 14.92 -10.80 4.61
N PHE A 128 15.16 -11.62 5.62
CA PHE A 128 16.22 -12.61 5.55
C PHE A 128 16.00 -13.51 4.35
N THR A 129 14.74 -13.88 4.14
CA THR A 129 14.33 -14.76 3.05
C THR A 129 14.63 -14.18 1.66
N ARG A 130 14.66 -12.86 1.57
CA ARG A 130 14.90 -12.19 0.31
C ARG A 130 16.35 -12.19 -0.18
N ARG A 131 17.12 -13.17 0.29
CA ARG A 131 18.51 -13.33 -0.15
C ARG A 131 19.39 -12.09 -0.15
N PRO A 132 19.35 -11.26 0.91
CA PRO A 132 20.23 -10.09 0.85
C PRO A 132 21.68 -10.57 0.94
N ALA A 133 22.63 -9.73 0.57
CA ALA A 133 24.04 -10.10 0.63
C ALA A 133 24.49 -10.28 2.08
N SER A 134 23.81 -9.60 3.00
CA SER A 134 24.10 -9.71 4.42
C SER A 134 22.95 -8.97 5.09
N LEU A 135 22.66 -9.30 6.34
CA LEU A 135 21.56 -8.65 7.03
C LEU A 135 21.79 -8.42 8.51
N LYS A 136 21.86 -7.15 8.91
CA LYS A 136 22.04 -6.81 10.32
C LYS A 136 20.95 -5.86 10.79
N THR A 137 20.93 -5.59 12.09
CA THR A 137 19.93 -4.73 12.71
C THR A 137 20.53 -3.77 13.74
N VAL A 138 20.04 -2.53 13.77
CA VAL A 138 20.52 -1.52 14.72
C VAL A 138 19.31 -0.96 15.45
N VAL A 139 19.36 -0.94 16.77
CA VAL A 139 18.23 -0.45 17.57
C VAL A 139 18.58 0.72 18.46
N LEU A 140 17.71 1.73 18.54
CA LEU A 140 17.98 2.86 19.39
C LEU A 140 18.01 2.42 20.86
N LEU A 141 16.97 1.72 21.30
CA LEU A 141 16.91 1.26 22.67
C LEU A 141 16.74 -0.26 22.75
N ASP A 142 17.13 -0.84 23.88
CA ASP A 142 17.03 -2.28 24.05
C ASP A 142 16.66 -2.69 25.47
N LYS A 143 15.73 -3.63 25.58
CA LYS A 143 15.28 -4.19 26.85
C LYS A 143 15.54 -5.69 26.75
N ARG A 144 16.74 -6.14 27.10
CA ARG A 144 17.10 -7.55 27.00
C ARG A 144 16.27 -8.56 27.79
N GLU A 145 15.76 -8.13 28.93
CA GLU A 145 14.97 -9.00 29.80
C GLU A 145 13.52 -9.22 29.32
N GLY A 146 12.97 -8.24 28.61
CA GLY A 146 11.60 -8.35 28.15
C GLY A 146 11.41 -9.07 26.83
N ARG A 147 12.38 -9.88 26.43
CA ARG A 147 12.30 -10.61 25.17
C ARG A 147 11.29 -11.76 25.24
N ARG A 148 10.34 -11.77 24.31
CA ARG A 148 9.33 -12.80 24.27
C ARG A 148 9.74 -13.85 23.24
N VAL A 149 10.95 -13.69 22.72
CA VAL A 149 11.51 -14.59 21.72
C VAL A 149 13.00 -14.30 21.64
N PRO A 150 13.81 -15.31 21.28
CA PRO A 150 15.24 -15.05 21.20
C PRO A 150 15.62 -14.11 20.05
N PHE A 151 16.27 -13.00 20.40
CA PHE A 151 16.73 -12.03 19.41
C PHE A 151 17.74 -11.04 19.97
N SER A 152 18.77 -10.77 19.19
CA SER A 152 19.82 -9.83 19.61
C SER A 152 20.17 -8.97 18.41
N ALA A 153 20.14 -7.65 18.58
CA ALA A 153 20.47 -6.73 17.51
C ALA A 153 21.95 -6.82 17.19
N ASP A 154 22.40 -6.00 16.24
CA ASP A 154 23.80 -6.00 15.86
C ASP A 154 24.44 -4.72 16.33
N TYR A 155 23.62 -3.71 16.58
CA TYR A 155 24.11 -2.44 17.07
C TYR A 155 23.07 -1.82 17.98
N VAL A 156 23.31 -1.86 19.29
CA VAL A 156 22.38 -1.26 20.23
C VAL A 156 22.93 0.09 20.67
N VAL A 157 22.16 1.15 20.48
CA VAL A 157 22.61 2.46 20.86
C VAL A 157 22.71 2.56 22.37
N ALA A 158 21.69 2.06 23.07
CA ALA A 158 21.68 2.09 24.53
C ALA A 158 20.73 1.05 25.15
N ASN A 159 21.21 0.35 26.18
CA ASN A 159 20.40 -0.63 26.89
C ASN A 159 19.64 0.12 27.97
N ILE A 160 18.42 -0.33 28.28
CA ILE A 160 17.60 0.33 29.29
C ILE A 160 16.78 -0.66 30.09
N PRO A 161 16.33 -0.24 31.28
CA PRO A 161 15.51 -1.10 32.13
C PRO A 161 14.09 -1.10 31.58
N ASN A 162 13.33 -2.13 31.89
CA ASN A 162 11.96 -2.26 31.41
C ASN A 162 11.03 -1.13 31.86
N ALA A 163 11.39 0.10 31.52
CA ALA A 163 10.57 1.26 31.85
C ALA A 163 9.80 1.62 30.60
N PHE A 164 8.98 2.67 30.66
CA PHE A 164 8.20 3.07 29.50
C PHE A 164 8.65 4.43 29.04
N VAL A 165 9.57 4.45 28.09
CA VAL A 165 10.10 5.69 27.56
C VAL A 165 9.31 6.29 26.41
N ILE A 166 9.53 7.58 26.17
CA ILE A 166 8.88 8.31 25.11
C ILE A 166 9.88 9.34 24.59
N GLY A 167 9.57 9.98 23.49
CA GLY A 167 10.46 10.97 22.92
C GLY A 167 11.47 10.38 21.96
N TYR A 168 12.03 11.26 21.13
CA TYR A 168 13.02 10.89 20.13
C TYR A 168 12.43 9.82 19.21
N GLY A 169 11.18 10.01 18.82
CA GLY A 169 10.54 9.06 17.95
C GLY A 169 9.57 8.11 18.63
N LEU A 170 9.93 7.62 19.82
CA LEU A 170 9.08 6.69 20.57
C LEU A 170 7.82 7.41 21.05
N ASP A 171 6.71 6.68 21.18
CA ASP A 171 5.46 7.31 21.59
C ASP A 171 4.69 6.64 22.72
N TYR A 172 3.53 7.23 23.00
CA TYR A 172 2.59 6.75 23.99
C TYR A 172 1.28 7.29 23.48
N ASP A 173 0.40 6.40 23.06
CA ASP A 173 -0.90 6.82 22.53
C ASP A 173 -0.71 7.81 21.37
N ASP A 174 0.28 7.52 20.52
CA ASP A 174 0.59 8.34 19.36
C ASP A 174 0.89 9.78 19.74
N THR A 175 1.65 9.95 20.83
CA THR A 175 2.02 11.28 21.31
C THR A 175 3.44 11.29 21.86
N TYR A 176 4.03 12.49 21.92
CA TYR A 176 5.38 12.69 22.43
C TYR A 176 6.50 12.22 21.51
N ARG A 177 6.20 11.86 20.27
CA ARG A 177 7.26 11.39 19.37
C ARG A 177 8.28 12.49 19.02
N GLU A 178 7.86 13.75 19.10
CA GLU A 178 8.72 14.89 18.76
C GLU A 178 9.74 15.36 19.80
N LEU A 179 9.73 14.77 20.99
CA LEU A 179 10.66 15.16 22.02
C LEU A 179 12.09 14.98 21.53
N ARG A 180 12.97 15.90 21.96
CA ARG A 180 14.38 15.87 21.58
C ARG A 180 15.15 14.87 22.42
N ASP A 181 14.66 14.61 23.63
CA ASP A 181 15.30 13.70 24.56
C ASP A 181 14.43 12.48 24.87
N ILE A 182 15.06 11.37 25.24
CA ILE A 182 14.31 10.17 25.58
C ILE A 182 13.98 10.30 27.07
N VAL A 183 12.70 10.33 27.41
CA VAL A 183 12.31 10.49 28.79
C VAL A 183 11.36 9.39 29.21
N VAL A 184 11.13 9.26 30.51
CA VAL A 184 10.22 8.25 31.04
C VAL A 184 8.91 8.94 31.41
N LEU A 185 7.81 8.38 30.90
CA LEU A 185 6.50 8.92 31.17
C LEU A 185 6.13 8.59 32.61
N ARG A 186 5.74 9.59 33.39
CA ARG A 186 5.37 9.34 34.77
C ARG A 186 3.98 8.70 34.84
N PRO A 187 3.82 7.66 35.69
CA PRO A 187 2.57 6.92 35.89
C PRO A 187 1.32 7.80 35.91
N GLU A 188 1.34 8.85 36.73
CA GLU A 188 0.21 9.77 36.84
C GLU A 188 -0.45 10.06 35.50
N VAL A 189 0.36 10.17 34.45
CA VAL A 189 -0.15 10.46 33.12
C VAL A 189 -0.64 9.19 32.46
N TYR A 190 0.14 8.12 32.57
CA TYR A 190 -0.23 6.84 31.99
C TYR A 190 -1.57 6.35 32.52
N ALA A 191 -1.92 6.80 33.72
CA ALA A 191 -3.17 6.40 34.35
C ALA A 191 -4.30 7.38 34.06
N GLU A 192 -3.98 8.67 34.15
CA GLU A 192 -4.95 9.74 33.91
C GLU A 192 -5.44 9.70 32.47
N ARG A 193 -4.59 9.20 31.58
CA ARG A 193 -4.93 9.12 30.17
C ARG A 193 -5.76 7.86 29.93
N GLU A 194 -5.54 6.82 30.75
CA GLU A 194 -6.32 5.59 30.62
C GLU A 194 -7.73 5.79 31.15
N ALA A 195 -8.43 6.75 30.58
CA ALA A 195 -9.81 7.02 30.96
C ALA A 195 -10.50 6.63 29.65
N ALA A 196 -10.30 5.36 29.30
CA ALA A 196 -10.85 4.75 28.08
C ALA A 196 -12.24 4.21 28.31
N ARG A 197 -13.19 5.13 28.32
CA ARG A 197 -14.61 4.86 28.52
C ARG A 197 -15.23 6.06 27.80
N GLN A 198 -14.75 6.28 26.58
CA GLN A 198 -15.21 7.37 25.73
C GLN A 198 -14.27 7.54 24.54
N PRO B 2 33.13 23.60 5.72
CA PRO B 2 34.33 22.81 5.36
C PRO B 2 33.96 21.45 4.75
N ARG B 3 32.70 21.29 4.38
CA ARG B 3 32.21 20.06 3.78
C ARG B 3 32.31 20.16 2.26
N GLU B 4 32.73 19.07 1.62
CA GLU B 4 32.86 19.09 0.17
C GLU B 4 32.31 17.82 -0.45
N TYR B 5 31.70 17.96 -1.62
CA TYR B 5 31.17 16.80 -2.32
C TYR B 5 31.61 16.85 -3.78
N GLU B 6 32.49 15.94 -4.15
CA GLU B 6 33.00 15.87 -5.52
C GLU B 6 31.85 15.92 -6.54
N PHE B 7 30.76 15.23 -6.24
CA PHE B 7 29.59 15.14 -7.13
C PHE B 7 28.68 16.36 -7.15
N ALA B 8 28.96 17.37 -6.34
CA ALA B 8 28.14 18.58 -6.31
C ALA B 8 28.86 19.73 -7.01
N GLU B 9 28.09 20.63 -7.61
CA GLU B 9 28.67 21.77 -8.32
C GLU B 9 28.87 22.94 -7.35
N LYS B 10 28.06 22.97 -6.30
CA LYS B 10 28.13 24.00 -5.28
C LYS B 10 27.40 23.54 -4.04
N ILE B 11 27.03 24.47 -3.17
CA ILE B 11 26.33 24.14 -1.94
C ILE B 11 25.37 25.28 -1.67
N LEU B 12 24.07 24.98 -1.65
CA LEU B 12 23.07 26.01 -1.42
C LEU B 12 22.88 26.39 0.04
N PHE B 13 22.78 25.38 0.90
CA PHE B 13 22.60 25.63 2.33
C PHE B 13 23.36 24.60 3.14
N THR B 14 23.83 25.00 4.30
CA THR B 14 24.58 24.09 5.16
C THR B 14 23.64 23.62 6.26
N GLU B 15 24.01 22.51 6.89
CA GLU B 15 23.20 21.94 7.96
C GLU B 15 22.76 23.00 8.93
N GLU B 16 23.71 23.83 9.37
CA GLU B 16 23.42 24.90 10.31
C GLU B 16 22.50 25.97 9.74
N GLU B 17 22.72 26.32 8.48
CA GLU B 17 21.90 27.32 7.83
C GLU B 17 20.47 26.82 7.81
N ILE B 18 20.33 25.54 7.51
CA ILE B 18 19.04 24.90 7.44
C ILE B 18 18.36 24.93 8.81
N ARG B 19 19.11 24.53 9.83
CA ARG B 19 18.61 24.49 11.20
C ARG B 19 18.00 25.83 11.63
N THR B 20 18.66 26.92 11.23
CA THR B 20 18.21 28.26 11.59
C THR B 20 16.89 28.66 10.96
N ARG B 21 16.78 28.49 9.64
CA ARG B 21 15.56 28.83 8.93
C ARG B 21 14.40 28.01 9.46
N ILE B 22 14.65 26.74 9.75
CA ILE B 22 13.61 25.86 10.25
C ILE B 22 13.14 26.35 11.62
N LYS B 23 14.08 26.63 12.50
CA LYS B 23 13.77 27.11 13.84
C LYS B 23 12.91 28.36 13.71
N GLU B 24 13.20 29.12 12.66
CA GLU B 24 12.51 30.36 12.37
C GLU B 24 11.06 30.12 11.96
N VAL B 25 10.86 29.33 10.91
CA VAL B 25 9.53 29.03 10.44
C VAL B 25 8.75 28.30 11.52
N ALA B 26 9.44 27.48 12.30
CA ALA B 26 8.78 26.76 13.37
C ALA B 26 8.08 27.81 14.24
N LYS B 27 8.89 28.70 14.81
CA LYS B 27 8.38 29.77 15.66
C LYS B 27 7.20 30.46 14.98
N ARG B 28 7.36 30.76 13.70
CA ARG B 28 6.30 31.42 12.96
C ARG B 28 5.05 30.53 12.87
N ILE B 29 5.23 29.22 12.91
CA ILE B 29 4.11 28.28 12.85
C ILE B 29 3.38 28.18 14.19
N ALA B 30 4.16 28.17 15.27
CA ALA B 30 3.57 28.09 16.60
C ALA B 30 2.74 29.32 16.90
N ASP B 31 3.17 30.46 16.37
CA ASP B 31 2.46 31.72 16.58
C ASP B 31 1.10 31.80 15.87
N ASP B 32 1.00 31.19 14.70
CA ASP B 32 -0.24 31.21 13.95
C ASP B 32 -1.27 30.28 14.58
N TYR B 33 -0.81 29.24 15.27
CA TYR B 33 -1.72 28.30 15.90
C TYR B 33 -1.99 28.63 17.36
N LYS B 34 -1.25 29.60 17.89
CA LYS B 34 -1.42 30.02 19.27
C LYS B 34 -2.86 30.11 19.74
N GLY B 35 -3.72 30.71 18.92
CA GLY B 35 -5.12 30.86 19.30
C GLY B 35 -6.07 29.79 18.80
N LYS B 36 -5.54 28.64 18.40
CA LYS B 36 -6.37 27.55 17.89
C LYS B 36 -6.66 26.50 18.97
N GLY B 37 -5.94 26.59 20.08
CA GLY B 37 -6.15 25.67 21.18
C GLY B 37 -5.57 24.29 20.95
N LEU B 38 -4.32 24.23 20.52
CA LEU B 38 -3.68 22.94 20.30
C LEU B 38 -3.55 22.22 21.63
N ARG B 39 -3.64 20.90 21.59
CA ARG B 39 -3.56 20.06 22.78
C ARG B 39 -3.12 18.65 22.52
N PRO B 40 -2.27 18.11 23.39
CA PRO B 40 -1.80 16.74 23.21
C PRO B 40 -2.97 15.78 23.40
N TYR B 41 -3.00 14.73 22.60
CA TYR B 41 -4.06 13.72 22.67
C TYR B 41 -5.38 14.07 21.97
N VAL B 42 -5.95 15.23 22.25
CA VAL B 42 -7.24 15.57 21.64
C VAL B 42 -7.20 16.52 20.44
N ASN B 43 -6.38 17.55 20.51
CA ASN B 43 -6.31 18.51 19.42
C ASN B 43 -4.87 18.81 18.98
N PRO B 44 -4.13 17.78 18.55
CA PRO B 44 -2.76 18.05 18.12
C PRO B 44 -2.71 18.53 16.69
N LEU B 45 -1.60 19.16 16.33
CA LEU B 45 -1.39 19.62 14.97
C LEU B 45 -0.80 18.41 14.24
N VAL B 46 -1.64 17.70 13.50
CA VAL B 46 -1.22 16.52 12.79
C VAL B 46 -0.30 16.92 11.63
N LEU B 47 0.87 16.31 11.59
CA LEU B 47 1.81 16.60 10.51
C LEU B 47 1.85 15.44 9.55
N ILE B 48 1.35 15.66 8.34
CA ILE B 48 1.37 14.61 7.34
C ILE B 48 2.71 14.71 6.61
N SER B 49 3.65 13.89 7.06
CA SER B 49 4.99 13.83 6.51
C SER B 49 4.98 13.04 5.22
N VAL B 50 5.14 13.71 4.09
CA VAL B 50 5.12 13.01 2.82
C VAL B 50 6.42 12.28 2.50
N LEU B 51 6.48 10.99 2.78
CA LEU B 51 7.67 10.21 2.46
C LEU B 51 7.86 10.24 0.93
N ARG B 52 9.10 10.11 0.45
CA ARG B 52 10.22 9.95 1.33
C ARG B 52 11.16 11.13 1.36
N GLY B 53 10.98 12.04 0.43
CA GLY B 53 11.86 13.20 0.39
C GLY B 53 11.98 14.00 1.68
N SER B 54 10.89 14.13 2.42
CA SER B 54 10.86 14.93 3.63
C SER B 54 11.21 14.25 4.94
N PHE B 55 11.70 13.03 4.90
CA PHE B 55 12.01 12.39 6.16
C PHE B 55 12.95 13.20 7.03
N MET B 56 14.04 13.73 6.49
CA MET B 56 14.98 14.49 7.30
C MET B 56 14.41 15.82 7.78
N PHE B 57 13.79 16.55 6.86
CA PHE B 57 13.18 17.82 7.20
C PHE B 57 12.08 17.63 8.25
N THR B 58 11.45 16.48 8.26
CA THR B 58 10.39 16.23 9.22
C THR B 58 10.98 15.96 10.61
N ALA B 59 12.04 15.17 10.65
CA ALA B 59 12.71 14.86 11.90
C ALA B 59 13.02 16.16 12.62
N ASP B 60 13.79 17.03 11.96
CA ASP B 60 14.16 18.30 12.56
C ASP B 60 12.99 19.24 12.78
N LEU B 61 12.09 19.34 11.81
CA LEU B 61 10.94 20.23 11.91
C LEU B 61 10.10 20.06 13.16
N CYS B 62 9.79 18.82 13.51
CA CYS B 62 8.95 18.57 14.67
C CYS B 62 9.70 18.90 15.93
N ARG B 63 10.97 18.53 15.99
CA ARG B 63 11.79 18.83 17.17
C ARG B 63 11.77 20.34 17.40
N ALA B 64 11.97 21.10 16.33
CA ALA B 64 11.94 22.55 16.46
C ALA B 64 10.56 22.98 16.97
N LEU B 65 9.50 22.36 16.46
CA LEU B 65 8.16 22.72 16.90
C LEU B 65 7.95 22.43 18.38
N CYS B 66 8.66 21.44 18.92
CA CYS B 66 8.55 21.07 20.35
C CYS B 66 9.14 22.22 21.16
N ASP B 67 10.28 22.74 20.70
CA ASP B 67 10.96 23.87 21.35
C ASP B 67 9.99 25.03 21.57
N PHE B 68 8.94 25.09 20.75
CA PHE B 68 7.96 26.16 20.87
C PHE B 68 6.66 25.66 21.44
N ASN B 69 6.75 24.51 22.09
CA ASN B 69 5.61 23.88 22.75
C ASN B 69 4.35 23.78 21.90
N VAL B 70 4.45 23.08 20.78
CA VAL B 70 3.30 22.87 19.91
C VAL B 70 3.09 21.37 19.86
N PRO B 71 1.99 20.87 20.43
CA PRO B 71 1.74 19.43 20.40
C PRO B 71 1.42 18.98 18.97
N VAL B 72 2.12 17.95 18.51
CA VAL B 72 1.93 17.43 17.17
C VAL B 72 1.72 15.93 17.20
N ARG B 73 1.23 15.39 16.09
CA ARG B 73 1.02 13.96 15.94
C ARG B 73 1.71 13.66 14.62
N MET B 74 2.59 12.67 14.62
CA MET B 74 3.30 12.35 13.40
C MET B 74 2.59 11.33 12.51
N GLU B 75 2.30 11.74 11.28
CA GLU B 75 1.66 10.90 10.29
C GLU B 75 2.61 10.78 9.13
N PHE B 76 2.67 9.60 8.52
CA PHE B 76 3.55 9.37 7.38
C PHE B 76 2.82 8.76 6.20
N ILE B 77 2.78 9.47 5.09
CA ILE B 77 2.15 8.92 3.90
C ILE B 77 3.24 8.76 2.87
N CYS B 78 2.95 7.97 1.83
CA CYS B 78 3.95 7.78 0.80
C CYS B 78 3.26 7.88 -0.53
N VAL B 79 3.83 8.69 -1.40
CA VAL B 79 3.27 8.92 -2.71
C VAL B 79 4.35 8.63 -3.74
N SER B 80 3.97 8.47 -5.00
CA SER B 80 4.93 8.15 -6.06
C SER B 80 4.38 8.61 -7.42
N SER B 81 5.23 8.61 -8.44
CA SER B 81 4.81 9.05 -9.77
C SER B 81 4.50 7.83 -10.63
N TYR B 82 3.76 8.04 -11.72
CA TYR B 82 3.37 6.95 -12.62
C TYR B 82 4.25 6.85 -13.86
N SER B 89 1.53 14.07 -15.14
CA SER B 89 2.65 13.85 -14.19
C SER B 89 2.25 14.13 -12.73
N GLY B 90 3.25 14.21 -11.85
CA GLY B 90 3.01 14.48 -10.44
C GLY B 90 2.96 13.20 -9.62
N GLN B 91 3.62 13.19 -8.46
CA GLN B 91 3.59 12.00 -7.61
C GLN B 91 2.18 11.85 -7.08
N VAL B 92 1.37 11.03 -7.75
CA VAL B 92 -0.01 10.87 -7.34
C VAL B 92 -0.40 9.43 -6.97
N ARG B 93 0.50 8.48 -7.17
CA ARG B 93 0.20 7.11 -6.82
C ARG B 93 0.36 6.97 -5.32
N MET B 94 -0.73 6.71 -4.60
CA MET B 94 -0.65 6.57 -3.16
C MET B 94 -0.23 5.17 -2.72
N LEU B 95 0.89 5.07 -2.01
CA LEU B 95 1.40 3.78 -1.55
C LEU B 95 1.17 3.55 -0.06
N LEU B 96 0.98 4.64 0.68
CA LEU B 96 0.75 4.56 2.12
C LEU B 96 -0.05 5.77 2.54
N ASP B 97 -1.18 5.55 3.22
CA ASP B 97 -2.02 6.65 3.67
C ASP B 97 -1.82 6.86 5.18
N THR B 98 -2.47 7.89 5.72
CA THR B 98 -2.33 8.21 7.14
C THR B 98 -2.82 7.07 8.01
N ARG B 99 -2.25 6.97 9.20
CA ARG B 99 -2.59 5.91 10.15
C ARG B 99 -3.96 6.11 10.77
N HIS B 100 -4.31 7.37 11.07
CA HIS B 100 -5.61 7.65 11.64
C HIS B 100 -6.32 8.74 10.83
N SER B 101 -7.55 9.04 11.22
CA SER B 101 -8.34 10.06 10.55
C SER B 101 -7.75 11.44 10.81
N ILE B 102 -7.99 12.36 9.88
CA ILE B 102 -7.50 13.71 10.03
C ILE B 102 -8.71 14.61 10.22
N GLU B 103 -9.91 14.04 10.08
CA GLU B 103 -11.12 14.82 10.24
C GLU B 103 -11.17 15.51 11.58
N GLY B 104 -11.59 16.77 11.57
CA GLY B 104 -11.70 17.53 12.81
C GLY B 104 -10.39 17.90 13.47
N HIS B 105 -9.29 17.72 12.76
CA HIS B 105 -7.98 18.04 13.31
C HIS B 105 -7.35 19.13 12.46
N HIS B 106 -6.31 19.74 12.99
CA HIS B 106 -5.59 20.75 12.23
C HIS B 106 -4.43 19.98 11.63
N VAL B 107 -4.33 20.01 10.31
CA VAL B 107 -3.27 19.28 9.65
C VAL B 107 -2.27 20.20 8.95
N LEU B 108 -1.02 19.76 8.94
CA LEU B 108 0.04 20.48 8.27
C LEU B 108 0.74 19.49 7.36
N ILE B 109 0.57 19.62 6.05
CA ILE B 109 1.25 18.69 5.16
C ILE B 109 2.71 19.13 5.06
N VAL B 110 3.62 18.20 5.29
CA VAL B 110 5.05 18.48 5.24
C VAL B 110 5.67 17.88 3.98
N GLU B 111 5.90 18.73 2.97
CA GLU B 111 6.51 18.31 1.69
C GLU B 111 7.96 18.78 1.59
N ASP B 112 8.80 18.01 0.91
CA ASP B 112 10.20 18.35 0.78
C ASP B 112 10.49 19.55 -0.10
N ILE B 113 9.97 19.53 -1.33
CA ILE B 113 10.20 20.66 -2.24
C ILE B 113 9.10 20.77 -3.28
N VAL B 114 8.43 21.92 -3.33
CA VAL B 114 7.36 22.09 -4.30
C VAL B 114 7.95 22.72 -5.55
N ASP B 115 7.80 22.05 -6.68
CA ASP B 115 8.34 22.52 -7.95
C ASP B 115 7.19 22.92 -8.88
N THR B 116 6.54 21.93 -9.49
CA THR B 116 5.42 22.18 -10.38
C THR B 116 4.14 22.27 -9.54
N ALA B 117 4.22 21.76 -8.32
CA ALA B 117 3.10 21.77 -7.37
C ALA B 117 2.03 20.74 -7.69
N LEU B 118 2.24 19.98 -8.75
CA LEU B 118 1.25 18.98 -9.12
C LEU B 118 0.95 18.06 -7.95
N THR B 119 1.99 17.72 -7.18
CA THR B 119 1.81 16.82 -6.05
C THR B 119 1.12 17.50 -4.87
N LEU B 120 1.69 18.59 -4.39
CA LEU B 120 1.10 19.33 -3.28
C LEU B 120 -0.35 19.70 -3.60
N ASN B 121 -0.58 20.22 -4.81
CA ASN B 121 -1.92 20.58 -5.23
C ASN B 121 -2.85 19.40 -5.04
N TYR B 122 -2.40 18.22 -5.51
CA TYR B 122 -3.18 17.00 -5.42
C TYR B 122 -3.41 16.53 -3.97
N LEU B 123 -2.33 16.51 -3.18
CA LEU B 123 -2.44 16.07 -1.80
C LEU B 123 -3.30 17.04 -1.00
N TYR B 124 -3.22 18.33 -1.33
CA TYR B 124 -3.99 19.33 -0.61
C TYR B 124 -5.49 19.13 -0.77
N HIS B 125 -5.96 19.07 -2.01
CA HIS B 125 -7.39 18.90 -2.24
C HIS B 125 -7.86 17.56 -1.69
N MET B 126 -7.00 16.56 -1.81
CA MET B 126 -7.33 15.22 -1.35
C MET B 126 -7.71 15.25 0.12
N TYR B 127 -6.78 15.66 0.97
CA TYR B 127 -7.05 15.69 2.40
C TYR B 127 -8.02 16.80 2.80
N PHE B 128 -8.10 17.85 2.00
CA PHE B 128 -9.00 18.95 2.31
C PHE B 128 -10.44 18.49 2.24
N THR B 129 -10.69 17.46 1.44
CA THR B 129 -12.04 16.93 1.28
C THR B 129 -12.38 15.93 2.37
N ARG B 130 -11.42 15.71 3.28
CA ARG B 130 -11.63 14.79 4.38
C ARG B 130 -11.98 15.58 5.64
N ARG B 131 -12.58 16.75 5.39
CA ARG B 131 -13.03 17.66 6.44
C ARG B 131 -12.12 17.85 7.64
N PRO B 132 -10.94 18.39 7.43
CA PRO B 132 -10.04 18.61 8.57
C PRO B 132 -10.39 19.98 9.16
N ALA B 133 -10.12 20.17 10.45
CA ALA B 133 -10.40 21.44 11.10
C ALA B 133 -9.77 22.62 10.32
N SER B 134 -8.66 22.34 9.65
CA SER B 134 -7.95 23.34 8.85
C SER B 134 -6.72 22.65 8.27
N LEU B 135 -6.35 23.06 7.07
CA LEU B 135 -5.23 22.46 6.37
C LEU B 135 -4.27 23.51 5.87
N LYS B 136 -2.99 23.33 6.19
CA LYS B 136 -1.95 24.24 5.76
C LYS B 136 -0.81 23.42 5.17
N THR B 137 0.21 24.10 4.67
CA THR B 137 1.33 23.42 4.03
C THR B 137 2.70 24.04 4.32
N VAL B 138 3.71 23.19 4.50
CA VAL B 138 5.08 23.66 4.74
C VAL B 138 6.08 22.87 3.88
N VAL B 139 6.91 23.59 3.13
CA VAL B 139 7.89 22.94 2.25
C VAL B 139 9.32 23.43 2.49
N LEU B 140 10.26 22.49 2.54
CA LEU B 140 11.66 22.82 2.75
C LEU B 140 12.19 23.74 1.65
N LEU B 141 11.76 23.49 0.42
CA LEU B 141 12.22 24.29 -0.71
C LEU B 141 11.09 24.63 -1.69
N ASP B 142 11.12 25.84 -2.24
CA ASP B 142 10.13 26.29 -3.21
C ASP B 142 10.85 26.72 -4.49
N LYS B 143 10.46 26.16 -5.63
CA LYS B 143 11.11 26.52 -6.88
C LYS B 143 10.37 27.59 -7.66
N ARG B 144 9.34 28.15 -7.02
CA ARG B 144 8.50 29.22 -7.59
C ARG B 144 8.29 29.19 -9.09
N GLU B 145 9.38 29.41 -9.83
CA GLU B 145 9.36 29.46 -11.28
C GLU B 145 9.37 28.09 -11.97
N GLY B 146 8.49 27.20 -11.52
CA GLY B 146 8.42 25.87 -12.10
C GLY B 146 7.00 25.35 -12.06
N ARG B 147 6.15 26.07 -11.36
CA ARG B 147 4.76 25.69 -11.24
C ARG B 147 4.15 25.30 -12.60
N ARG B 148 3.28 24.31 -12.58
CA ARG B 148 2.57 23.87 -13.78
C ARG B 148 1.10 24.09 -13.44
N VAL B 149 0.88 24.39 -12.16
CA VAL B 149 -0.45 24.67 -11.65
C VAL B 149 -0.19 25.71 -10.55
N PRO B 150 -1.15 26.61 -10.31
CA PRO B 150 -0.97 27.62 -9.27
C PRO B 150 -1.08 27.08 -7.86
N PHE B 151 0.01 27.17 -7.09
CA PHE B 151 -0.04 26.67 -5.72
C PHE B 151 0.99 27.33 -4.82
N SER B 152 0.54 27.77 -3.65
CA SER B 152 1.43 28.41 -2.69
C SER B 152 1.41 27.69 -1.35
N ALA B 153 2.61 27.45 -0.82
CA ALA B 153 2.76 26.78 0.46
C ALA B 153 2.74 27.81 1.59
N ASP B 154 1.84 27.62 2.54
CA ASP B 154 1.71 28.51 3.68
C ASP B 154 3.08 28.87 4.27
N TYR B 155 3.94 27.87 4.43
CA TYR B 155 5.27 28.09 4.99
C TYR B 155 6.38 27.61 4.07
N VAL B 156 7.35 28.47 3.82
CA VAL B 156 8.48 28.13 2.96
C VAL B 156 9.77 28.28 3.75
N VAL B 157 10.62 27.27 3.72
CA VAL B 157 11.88 27.33 4.43
C VAL B 157 12.83 28.17 3.60
N ALA B 158 12.88 27.89 2.30
CA ALA B 158 13.76 28.64 1.41
C ALA B 158 13.30 28.57 -0.03
N ASN B 159 13.53 29.65 -0.77
CA ASN B 159 13.16 29.67 -2.19
C ASN B 159 14.43 29.41 -2.96
N ILE B 160 14.37 28.55 -3.95
CA ILE B 160 15.55 28.25 -4.74
C ILE B 160 15.30 28.34 -6.24
N PRO B 161 16.37 28.54 -7.00
CA PRO B 161 16.26 28.62 -8.46
C PRO B 161 16.23 27.22 -9.03
N ASN B 162 15.57 27.07 -10.16
CA ASN B 162 15.47 25.79 -10.82
C ASN B 162 16.85 25.16 -10.94
N ALA B 163 17.03 24.01 -10.30
CA ALA B 163 18.30 23.29 -10.33
C ALA B 163 18.03 21.96 -9.67
N PHE B 164 18.91 20.98 -9.87
CA PHE B 164 18.68 19.68 -9.26
C PHE B 164 19.39 19.57 -7.91
N VAL B 165 18.63 19.72 -6.85
CA VAL B 165 19.17 19.66 -5.50
C VAL B 165 19.12 18.26 -4.90
N ILE B 166 20.06 17.99 -4.01
CA ILE B 166 20.15 16.71 -3.35
C ILE B 166 20.67 16.91 -1.93
N GLY B 167 20.44 15.93 -1.06
CA GLY B 167 20.88 16.04 0.32
C GLY B 167 19.76 16.49 1.22
N TYR B 168 19.98 16.35 2.53
CA TYR B 168 19.01 16.73 3.55
C TYR B 168 17.66 16.11 3.26
N GLY B 169 17.64 14.85 2.81
CA GLY B 169 16.38 14.21 2.52
C GLY B 169 16.03 14.18 1.04
N LEU B 170 16.48 15.21 0.33
CA LEU B 170 16.24 15.31 -1.11
C LEU B 170 17.11 14.26 -1.78
N ASP B 171 16.75 13.84 -2.99
CA ASP B 171 17.54 12.80 -3.63
C ASP B 171 17.66 12.82 -5.15
N TYR B 172 18.41 11.83 -5.62
CA TYR B 172 18.60 11.59 -7.02
C TYR B 172 18.76 10.08 -7.14
N ASP B 173 17.79 9.44 -7.79
CA ASP B 173 17.81 8.00 -7.97
C ASP B 173 18.07 7.34 -6.62
N ASP B 174 17.43 7.86 -5.58
CA ASP B 174 17.57 7.35 -4.21
C ASP B 174 18.97 7.45 -3.68
N THR B 175 19.66 8.51 -4.05
CA THR B 175 21.03 8.74 -3.62
C THR B 175 21.20 10.14 -3.05
N TYR B 176 22.11 10.28 -2.09
CA TYR B 176 22.43 11.56 -1.47
C TYR B 176 21.41 12.10 -0.45
N ARG B 177 20.43 11.30 -0.06
CA ARG B 177 19.45 11.76 0.93
C ARG B 177 20.11 12.05 2.26
N GLU B 178 21.19 11.32 2.56
CA GLU B 178 21.89 11.45 3.83
C GLU B 178 22.79 12.66 4.04
N LEU B 179 22.98 13.46 3.01
CA LEU B 179 23.84 14.62 3.18
C LEU B 179 23.26 15.57 4.22
N ARG B 180 24.13 16.20 5.01
CA ARG B 180 23.71 17.14 6.03
C ARG B 180 23.41 18.49 5.40
N ASP B 181 23.93 18.68 4.19
CA ASP B 181 23.75 19.92 3.46
C ASP B 181 22.93 19.77 2.19
N ILE B 182 22.34 20.88 1.75
CA ILE B 182 21.55 20.93 0.52
C ILE B 182 22.49 21.40 -0.59
N VAL B 183 22.87 20.50 -1.47
CA VAL B 183 23.77 20.84 -2.56
C VAL B 183 23.08 20.63 -3.92
N VAL B 184 23.73 21.03 -4.99
CA VAL B 184 23.15 20.84 -6.32
C VAL B 184 23.97 19.78 -7.06
N LEU B 185 23.27 18.78 -7.59
CA LEU B 185 23.94 17.71 -8.30
C LEU B 185 24.65 18.25 -9.51
N ARG B 186 25.87 17.78 -9.75
CA ARG B 186 26.61 18.22 -10.91
C ARG B 186 25.95 17.59 -12.14
N PRO B 187 25.63 18.42 -13.16
CA PRO B 187 25.00 17.88 -14.37
C PRO B 187 25.86 16.75 -14.95
N GLU B 188 27.12 16.74 -14.54
CA GLU B 188 28.08 15.72 -14.95
C GLU B 188 27.52 14.34 -14.58
N VAL B 189 27.30 14.15 -13.28
CA VAL B 189 26.79 12.91 -12.73
C VAL B 189 25.40 12.59 -13.28
N TYR B 190 24.53 13.60 -13.36
CA TYR B 190 23.18 13.38 -13.87
C TYR B 190 23.26 12.60 -15.17
N ALA B 191 24.06 13.10 -16.10
CA ALA B 191 24.22 12.45 -17.41
C ALA B 191 24.90 11.10 -17.24
N GLU B 192 26.16 11.11 -16.84
CA GLU B 192 26.91 9.87 -16.65
C GLU B 192 26.11 8.81 -15.88
N ARG B 193 25.13 9.26 -15.09
CA ARG B 193 24.33 8.35 -14.28
C ARG B 193 23.09 7.79 -14.98
N GLU B 194 22.28 8.65 -15.57
CA GLU B 194 21.07 8.22 -16.26
C GLU B 194 21.41 7.39 -17.49
N ALA B 195 22.50 7.75 -18.15
CA ALA B 195 22.94 7.02 -19.33
C ALA B 195 23.21 5.57 -18.95
N ALA B 196 23.57 5.31 -17.71
CA ALA B 196 23.83 3.96 -17.28
C ALA B 196 22.60 3.38 -16.60
N ARG B 197 21.60 4.23 -16.37
CA ARG B 197 20.39 3.77 -15.72
C ARG B 197 19.36 3.44 -16.78
N GLN B 198 19.13 4.40 -17.67
CA GLN B 198 18.18 4.26 -18.76
C GLN B 198 18.65 3.14 -19.70
N LYS B 199 19.84 2.62 -19.42
CA LYS B 199 20.42 1.54 -20.20
C LYS B 199 20.00 0.24 -19.54
N LYS B 200 20.42 0.04 -18.30
CA LYS B 200 20.07 -1.17 -17.54
C LYS B 200 18.55 -1.33 -17.51
N GLN B 201 17.84 -0.21 -17.56
CA GLN B 201 16.38 -0.23 -17.56
C GLN B 201 15.89 -0.95 -18.81
N ARG B 202 16.43 -0.56 -19.95
CA ARG B 202 16.04 -1.13 -21.22
C ARG B 202 16.46 -2.58 -21.42
N ALA B 203 16.65 -3.29 -20.31
CA ALA B 203 16.99 -4.70 -20.39
C ALA B 203 15.62 -5.28 -20.74
N ILE B 204 15.29 -5.21 -22.03
CA ILE B 204 14.02 -5.69 -22.57
C ILE B 204 13.89 -7.19 -22.37
N GLY B 205 13.83 -7.58 -21.10
CA GLY B 205 13.73 -8.99 -20.77
C GLY B 205 12.39 -9.59 -21.14
N SER B 206 11.53 -8.80 -21.81
CA SER B 206 10.22 -9.30 -22.24
C SER B 206 10.44 -10.49 -23.17
N ALA B 207 10.91 -11.59 -22.58
CA ALA B 207 11.19 -12.83 -23.30
C ALA B 207 9.91 -13.61 -23.54
N ASP B 208 8.80 -12.90 -23.66
CA ASP B 208 7.50 -13.52 -23.92
C ASP B 208 7.59 -13.99 -25.38
N THR B 209 8.15 -15.18 -25.54
CA THR B 209 8.33 -15.78 -26.85
C THR B 209 7.17 -16.71 -27.21
N ASP B 210 5.95 -16.15 -27.22
CA ASP B 210 4.76 -16.92 -27.54
C ASP B 210 4.57 -17.03 -29.04
N ARG B 211 5.23 -18.01 -29.63
CA ARG B 211 5.15 -18.24 -31.06
C ARG B 211 6.51 -18.48 -31.68
N PRO C 2 -20.23 -19.80 -31.52
CA PRO C 2 -19.34 -19.31 -30.43
C PRO C 2 -18.92 -17.89 -30.73
N ARG C 3 -18.23 -17.29 -29.78
CA ARG C 3 -17.75 -15.93 -29.95
C ARG C 3 -16.58 -15.88 -30.91
N GLU C 4 -16.48 -14.79 -31.65
CA GLU C 4 -15.40 -14.61 -32.61
C GLU C 4 -14.40 -13.62 -32.02
N TYR C 5 -13.11 -13.96 -32.11
CA TYR C 5 -12.07 -13.08 -31.60
C TYR C 5 -11.00 -12.88 -32.67
N GLU C 6 -11.10 -11.75 -33.36
CA GLU C 6 -10.16 -11.41 -34.42
C GLU C 6 -8.70 -11.55 -33.97
N PHE C 7 -8.40 -10.96 -32.82
CA PHE C 7 -7.06 -10.99 -32.26
C PHE C 7 -6.68 -12.36 -31.69
N ALA C 8 -7.65 -13.26 -31.64
CA ALA C 8 -7.39 -14.60 -31.13
C ALA C 8 -7.19 -15.61 -32.26
N GLU C 9 -6.27 -16.54 -32.03
CA GLU C 9 -5.93 -17.58 -33.00
C GLU C 9 -6.75 -18.86 -32.83
N LYS C 10 -7.12 -19.17 -31.59
CA LYS C 10 -7.90 -20.36 -31.27
C LYS C 10 -8.34 -20.27 -29.81
N ILE C 11 -9.44 -20.92 -29.46
CA ILE C 11 -9.95 -20.89 -28.10
C ILE C 11 -9.54 -22.16 -27.36
N LEU C 12 -8.98 -22.00 -26.16
CA LEU C 12 -8.56 -23.15 -25.36
C LEU C 12 -9.65 -23.69 -24.46
N PHE C 13 -10.46 -22.77 -23.93
CA PHE C 13 -11.58 -23.14 -23.07
C PHE C 13 -12.65 -22.06 -23.15
N THR C 14 -13.91 -22.48 -23.15
CA THR C 14 -15.03 -21.55 -23.21
C THR C 14 -15.60 -21.38 -21.80
N GLU C 15 -16.36 -20.30 -21.62
CA GLU C 15 -16.96 -20.03 -20.31
C GLU C 15 -17.52 -21.33 -19.76
N GLU C 16 -18.44 -21.92 -20.53
CA GLU C 16 -19.08 -23.18 -20.18
C GLU C 16 -18.04 -24.24 -19.80
N GLU C 17 -17.03 -24.42 -20.63
CA GLU C 17 -16.00 -25.41 -20.37
C GLU C 17 -15.31 -25.14 -19.04
N ILE C 18 -15.05 -23.86 -18.80
CA ILE C 18 -14.38 -23.43 -17.57
C ILE C 18 -15.32 -23.57 -16.38
N ARG C 19 -16.56 -23.12 -16.56
CA ARG C 19 -17.56 -23.20 -15.50
C ARG C 19 -17.59 -24.62 -14.96
N THR C 20 -17.46 -25.59 -15.86
CA THR C 20 -17.49 -26.99 -15.47
C THR C 20 -16.28 -27.46 -14.66
N ARG C 21 -15.07 -27.31 -15.20
CA ARG C 21 -13.88 -27.74 -14.48
C ARG C 21 -13.75 -27.11 -13.09
N ILE C 22 -14.27 -25.90 -12.95
CA ILE C 22 -14.21 -25.22 -11.67
C ILE C 22 -15.11 -25.92 -10.66
N LYS C 23 -16.29 -26.34 -11.10
CA LYS C 23 -17.24 -27.04 -10.23
C LYS C 23 -16.55 -28.29 -9.68
N GLU C 24 -15.91 -29.04 -10.56
CA GLU C 24 -15.22 -30.25 -10.15
C GLU C 24 -14.08 -29.95 -9.18
N VAL C 25 -13.39 -28.83 -9.37
CA VAL C 25 -12.32 -28.50 -8.46
C VAL C 25 -12.92 -28.00 -7.15
N ALA C 26 -14.02 -27.25 -7.24
CA ALA C 26 -14.72 -26.72 -6.07
C ALA C 26 -15.12 -27.93 -5.23
N LYS C 27 -15.69 -28.91 -5.92
CA LYS C 27 -16.13 -30.17 -5.32
C LYS C 27 -15.00 -30.86 -4.59
N ARG C 28 -13.88 -31.05 -5.28
CA ARG C 28 -12.72 -31.73 -4.70
C ARG C 28 -12.28 -31.04 -3.43
N ILE C 29 -12.12 -29.72 -3.49
CA ILE C 29 -11.68 -28.95 -2.34
C ILE C 29 -12.60 -29.25 -1.18
N ALA C 30 -13.90 -29.10 -1.40
CA ALA C 30 -14.88 -29.36 -0.37
C ALA C 30 -14.64 -30.74 0.25
N ASP C 31 -14.36 -31.73 -0.61
CA ASP C 31 -14.13 -33.08 -0.14
C ASP C 31 -12.91 -33.14 0.74
N ASP C 32 -11.86 -32.42 0.36
CA ASP C 32 -10.61 -32.41 1.10
C ASP C 32 -10.69 -31.76 2.48
N TYR C 33 -11.28 -30.57 2.53
CA TYR C 33 -11.41 -29.84 3.79
C TYR C 33 -12.58 -30.29 4.68
N LYS C 34 -13.35 -31.26 4.21
CA LYS C 34 -14.51 -31.73 4.96
C LYS C 34 -14.17 -32.23 6.37
N GLY C 35 -12.98 -32.81 6.52
CA GLY C 35 -12.59 -33.33 7.82
C GLY C 35 -11.91 -32.32 8.73
N LYS C 36 -11.89 -31.07 8.33
CA LYS C 36 -11.25 -30.05 9.14
C LYS C 36 -12.23 -29.31 10.05
N GLY C 37 -13.39 -28.97 9.50
CA GLY C 37 -14.39 -28.27 10.29
C GLY C 37 -14.52 -26.80 9.95
N LEU C 38 -14.50 -26.47 8.67
CA LEU C 38 -14.63 -25.08 8.28
C LEU C 38 -15.95 -24.55 8.81
N ARG C 39 -15.87 -23.41 9.48
CA ARG C 39 -17.04 -22.77 10.04
C ARG C 39 -16.92 -21.28 9.80
N PRO C 40 -18.00 -20.63 9.31
CA PRO C 40 -17.89 -19.19 9.07
C PRO C 40 -17.40 -18.39 10.28
N TYR C 41 -16.81 -17.23 10.00
CA TYR C 41 -16.29 -16.35 11.04
C TYR C 41 -15.06 -16.89 11.77
N VAL C 42 -15.28 -17.91 12.59
CA VAL C 42 -14.20 -18.47 13.39
C VAL C 42 -13.11 -19.25 12.67
N ASN C 43 -13.47 -20.07 11.70
CA ASN C 43 -12.45 -20.85 11.02
C ASN C 43 -12.81 -21.21 9.58
N PRO C 44 -12.90 -20.19 8.71
CA PRO C 44 -13.24 -20.40 7.29
C PRO C 44 -12.03 -20.73 6.41
N LEU C 45 -12.31 -21.06 5.15
CA LEU C 45 -11.27 -21.36 4.18
C LEU C 45 -10.84 -20.01 3.60
N VAL C 46 -9.71 -19.51 4.09
CA VAL C 46 -9.21 -18.23 3.63
C VAL C 46 -8.66 -18.31 2.22
N LEU C 47 -9.27 -17.56 1.32
CA LEU C 47 -8.79 -17.55 -0.04
C LEU C 47 -7.97 -16.28 -0.28
N ILE C 48 -6.69 -16.45 -0.57
CA ILE C 48 -5.86 -15.29 -0.86
C ILE C 48 -5.84 -15.13 -2.38
N SER C 49 -6.73 -14.27 -2.85
CA SER C 49 -6.83 -14.02 -4.27
C SER C 49 -5.66 -13.12 -4.63
N VAL C 50 -4.82 -13.57 -5.56
CA VAL C 50 -3.69 -12.76 -5.97
C VAL C 50 -4.07 -11.87 -7.15
N LEU C 51 -4.36 -10.60 -6.89
CA LEU C 51 -4.73 -9.70 -7.96
C LEU C 51 -3.54 -9.70 -8.90
N ARG C 52 -3.75 -9.43 -10.17
CA ARG C 52 -5.08 -9.12 -10.66
C ARG C 52 -5.53 -10.15 -11.71
N GLY C 53 -4.62 -11.04 -12.11
CA GLY C 53 -4.96 -12.06 -13.11
C GLY C 53 -6.03 -13.00 -12.60
N SER C 54 -6.25 -13.03 -11.29
CA SER C 54 -7.23 -13.92 -10.69
C SER C 54 -8.50 -13.22 -10.22
N PHE C 55 -8.77 -12.02 -10.71
CA PHE C 55 -9.97 -11.31 -10.26
C PHE C 55 -11.24 -11.99 -10.72
N MET C 56 -11.22 -12.55 -11.92
CA MET C 56 -12.39 -13.22 -12.48
C MET C 56 -12.47 -14.67 -12.07
N PHE C 57 -11.34 -15.34 -12.03
CA PHE C 57 -11.35 -16.74 -11.63
C PHE C 57 -11.90 -16.78 -10.20
N THR C 58 -11.23 -16.07 -9.29
CA THR C 58 -11.65 -15.99 -7.88
C THR C 58 -13.17 -15.80 -7.70
N ALA C 59 -13.73 -14.84 -8.43
CA ALA C 59 -15.17 -14.52 -8.37
C ALA C 59 -16.05 -15.76 -8.56
N ASP C 60 -15.79 -16.53 -9.61
CA ASP C 60 -16.57 -17.73 -9.88
C ASP C 60 -16.23 -18.82 -8.86
N LEU C 61 -14.95 -19.09 -8.70
CA LEU C 61 -14.52 -20.12 -7.77
C LEU C 61 -15.20 -20.06 -6.40
N CYS C 62 -15.30 -18.88 -5.80
CA CYS C 62 -15.92 -18.82 -4.47
C CYS C 62 -17.41 -19.08 -4.56
N ARG C 63 -18.03 -18.64 -5.64
CA ARG C 63 -19.44 -18.92 -5.80
C ARG C 63 -19.56 -20.45 -5.88
N ALA C 64 -18.77 -21.06 -6.74
CA ALA C 64 -18.84 -22.50 -6.88
C ALA C 64 -18.63 -23.18 -5.52
N LEU C 65 -17.74 -22.62 -4.72
CA LEU C 65 -17.47 -23.19 -3.40
C LEU C 65 -18.66 -23.00 -2.43
N CYS C 66 -19.51 -22.01 -2.70
CA CYS C 66 -20.67 -21.76 -1.85
C CYS C 66 -21.67 -22.88 -2.10
N ASP C 67 -21.76 -23.30 -3.36
CA ASP C 67 -22.66 -24.38 -3.75
C ASP C 67 -22.37 -25.61 -2.88
N PHE C 68 -21.11 -25.96 -2.72
CA PHE C 68 -20.81 -27.13 -1.89
C PHE C 68 -20.75 -26.72 -0.43
N ASN C 69 -21.33 -25.55 -0.17
CA ASN C 69 -21.40 -24.95 1.17
C ASN C 69 -20.09 -25.00 1.98
N VAL C 70 -19.09 -24.28 1.47
CA VAL C 70 -17.79 -24.18 2.12
C VAL C 70 -17.62 -22.75 2.58
N PRO C 71 -17.47 -22.53 3.89
CA PRO C 71 -17.30 -21.16 4.37
C PRO C 71 -15.95 -20.59 3.91
N VAL C 72 -15.98 -19.42 3.30
CA VAL C 72 -14.76 -18.80 2.81
C VAL C 72 -14.61 -17.34 3.21
N ARG C 73 -13.35 -16.91 3.35
CA ARG C 73 -13.02 -15.53 3.66
C ARG C 73 -12.19 -15.01 2.50
N MET C 74 -12.67 -13.97 1.85
CA MET C 74 -11.96 -13.40 0.71
C MET C 74 -10.88 -12.41 1.12
N GLU C 75 -9.63 -12.69 0.73
CA GLU C 75 -8.52 -11.79 1.00
C GLU C 75 -7.99 -11.39 -0.37
N PHE C 76 -7.77 -10.10 -0.57
CA PHE C 76 -7.25 -9.63 -1.85
C PHE C 76 -5.88 -8.99 -1.69
N ILE C 77 -4.85 -9.68 -2.18
CA ILE C 77 -3.49 -9.17 -2.11
C ILE C 77 -2.96 -8.77 -3.49
N CYS C 78 -2.24 -7.66 -3.53
CA CYS C 78 -1.68 -7.17 -4.77
C CYS C 78 -0.14 -7.14 -4.73
N VAL C 79 0.48 -7.72 -5.75
CA VAL C 79 1.94 -7.73 -5.82
C VAL C 79 2.41 -6.91 -7.02
N SER C 80 3.69 -6.56 -7.01
CA SER C 80 4.29 -5.78 -8.08
C SER C 80 5.72 -6.27 -8.25
N SER C 81 6.25 -6.15 -9.46
CA SER C 81 7.61 -6.59 -9.71
C SER C 81 8.55 -5.48 -9.29
N TYR C 82 9.79 -5.82 -8.99
CA TYR C 82 10.75 -4.81 -8.60
C TYR C 82 11.41 -4.28 -9.86
N GLY C 83 11.26 -5.00 -10.96
CA GLY C 83 11.84 -4.56 -12.20
C GLY C 83 13.33 -4.80 -12.31
N GLU C 84 13.76 -6.02 -12.03
CA GLU C 84 15.17 -6.39 -12.12
C GLU C 84 15.30 -7.68 -12.94
N SER C 88 16.65 -12.41 -8.63
CA SER C 88 15.54 -12.98 -9.47
C SER C 88 15.03 -14.27 -8.83
N SER C 89 14.53 -14.14 -7.60
CA SER C 89 13.98 -15.26 -6.83
C SER C 89 12.46 -15.14 -6.84
N GLY C 90 11.92 -14.46 -7.85
CA GLY C 90 10.48 -14.26 -7.93
C GLY C 90 10.08 -13.14 -6.99
N GLN C 91 10.96 -12.86 -6.02
CA GLN C 91 10.77 -11.82 -5.03
C GLN C 91 9.98 -10.66 -5.62
N VAL C 92 8.80 -10.36 -5.06
CA VAL C 92 7.95 -9.27 -5.55
C VAL C 92 7.60 -8.23 -4.49
N ARG C 93 7.13 -7.06 -4.94
CA ARG C 93 6.77 -6.00 -4.00
C ARG C 93 5.33 -6.11 -3.55
N MET C 94 5.13 -6.13 -2.24
CA MET C 94 3.80 -6.20 -1.69
C MET C 94 3.13 -4.83 -1.69
N LEU C 95 2.02 -4.72 -2.40
CA LEU C 95 1.28 -3.46 -2.47
C LEU C 95 0.01 -3.52 -1.63
N LEU C 96 -0.53 -4.72 -1.48
CA LEU C 96 -1.73 -4.91 -0.68
C LEU C 96 -1.62 -6.24 0.04
N ASP C 97 -1.66 -6.21 1.37
CA ASP C 97 -1.52 -7.44 2.15
C ASP C 97 -2.88 -7.84 2.70
N THR C 98 -2.98 -9.07 3.19
CA THR C 98 -4.23 -9.56 3.73
C THR C 98 -4.65 -8.65 4.87
N ARG C 99 -5.94 -8.46 5.03
CA ARG C 99 -6.41 -7.59 6.09
C ARG C 99 -6.43 -8.28 7.46
N HIS C 100 -6.54 -9.60 7.46
CA HIS C 100 -6.57 -10.36 8.69
C HIS C 100 -5.45 -11.38 8.69
N SER C 101 -4.98 -11.72 9.89
CA SER C 101 -3.91 -12.70 10.05
C SER C 101 -4.39 -14.05 9.51
N ILE C 102 -3.50 -14.80 8.86
CA ILE C 102 -3.87 -16.10 8.33
C ILE C 102 -3.36 -17.19 9.25
N GLU C 103 -2.88 -16.80 10.43
CA GLU C 103 -2.32 -17.76 11.37
C GLU C 103 -3.39 -18.61 12.05
N GLY C 104 -3.20 -19.92 12.00
CA GLY C 104 -4.15 -20.85 12.61
C GLY C 104 -5.41 -21.02 11.77
N HIS C 105 -5.33 -20.64 10.51
CA HIS C 105 -6.43 -20.74 9.56
C HIS C 105 -5.99 -21.59 8.40
N HIS C 106 -6.95 -22.10 7.66
CA HIS C 106 -6.67 -22.92 6.50
C HIS C 106 -6.67 -21.98 5.32
N VAL C 107 -5.55 -21.90 4.62
CA VAL C 107 -5.45 -20.98 3.49
C VAL C 107 -5.36 -21.68 2.13
N LEU C 108 -5.89 -21.00 1.12
CA LEU C 108 -5.89 -21.46 -0.26
C LEU C 108 -5.56 -20.25 -1.14
N ILE C 109 -4.35 -20.25 -1.70
CA ILE C 109 -3.93 -19.16 -2.55
C ILE C 109 -4.51 -19.38 -3.94
N VAL C 110 -5.15 -18.34 -4.48
CA VAL C 110 -5.78 -18.43 -5.79
C VAL C 110 -5.03 -17.62 -6.84
N GLU C 111 -4.25 -18.31 -7.65
CA GLU C 111 -3.46 -17.68 -8.71
C GLU C 111 -4.11 -17.98 -10.06
N ASP C 112 -3.85 -17.12 -11.04
CA ASP C 112 -4.42 -17.28 -12.38
C ASP C 112 -3.63 -18.22 -13.30
N ILE C 113 -2.31 -18.26 -13.15
CA ILE C 113 -1.49 -19.13 -13.99
C ILE C 113 -0.16 -19.34 -13.32
N VAL C 114 0.52 -20.44 -13.65
CA VAL C 114 1.80 -20.73 -13.04
C VAL C 114 2.83 -21.24 -14.05
N ASP C 115 3.48 -20.30 -14.74
CA ASP C 115 4.50 -20.58 -15.75
C ASP C 115 5.84 -20.86 -15.07
N THR C 116 6.56 -19.79 -14.74
CA THR C 116 7.85 -19.93 -14.08
C THR C 116 7.67 -20.33 -12.61
N ALA C 117 6.54 -19.93 -12.03
CA ALA C 117 6.21 -20.24 -10.64
C ALA C 117 7.11 -19.50 -9.64
N LEU C 118 7.88 -18.55 -10.14
CA LEU C 118 8.77 -17.78 -9.27
C LEU C 118 7.93 -16.96 -8.30
N THR C 119 7.00 -16.17 -8.82
CA THR C 119 6.16 -15.34 -7.95
C THR C 119 5.39 -16.20 -6.94
N LEU C 120 4.75 -17.27 -7.43
CA LEU C 120 3.94 -18.15 -6.59
C LEU C 120 4.72 -18.89 -5.50
N ASN C 121 5.96 -19.30 -5.83
CA ASN C 121 6.79 -19.98 -4.85
C ASN C 121 7.14 -18.98 -3.77
N TYR C 122 7.40 -17.74 -4.19
CA TYR C 122 7.71 -16.67 -3.26
C TYR C 122 6.51 -16.42 -2.35
N LEU C 123 5.33 -16.27 -2.94
CA LEU C 123 4.13 -16.03 -2.15
C LEU C 123 3.87 -17.20 -1.23
N TYR C 124 3.93 -18.41 -1.78
CA TYR C 124 3.71 -19.60 -0.96
C TYR C 124 4.64 -19.54 0.26
N HIS C 125 5.95 -19.49 0.03
CA HIS C 125 6.90 -19.45 1.14
C HIS C 125 6.55 -18.41 2.19
N MET C 126 6.29 -17.19 1.72
CA MET C 126 5.94 -16.06 2.56
C MET C 126 4.81 -16.36 3.53
N TYR C 127 3.63 -16.66 2.98
CA TYR C 127 2.46 -16.98 3.79
C TYR C 127 2.70 -18.24 4.63
N PHE C 128 3.47 -19.16 4.08
CA PHE C 128 3.80 -20.40 4.77
C PHE C 128 4.40 -20.08 6.13
N THR C 129 5.22 -19.03 6.16
CA THR C 129 5.88 -18.58 7.37
C THR C 129 4.93 -18.07 8.45
N ARG C 130 3.75 -17.62 8.02
CA ARG C 130 2.78 -17.08 8.96
C ARG C 130 1.99 -18.08 9.76
N ARG C 131 2.53 -19.28 9.92
CA ARG C 131 1.90 -20.33 10.69
C ARG C 131 0.45 -20.66 10.38
N PRO C 132 0.07 -20.72 9.10
CA PRO C 132 -1.35 -21.04 8.90
C PRO C 132 -1.59 -22.47 9.38
N ALA C 133 -2.87 -22.83 9.55
CA ALA C 133 -3.23 -24.17 10.00
C ALA C 133 -2.94 -25.19 8.90
N SER C 134 -2.98 -24.72 7.65
CA SER C 134 -2.70 -25.55 6.49
C SER C 134 -2.60 -24.59 5.31
N LEU C 135 -1.82 -24.95 4.29
CA LEU C 135 -1.68 -24.05 3.16
C LEU C 135 -1.59 -24.74 1.82
N LYS C 136 -2.56 -24.49 0.96
CA LYS C 136 -2.58 -25.07 -0.37
C LYS C 136 -2.76 -24.00 -1.46
N THR C 137 -2.67 -24.41 -2.72
CA THR C 137 -2.78 -23.50 -3.85
C THR C 137 -3.63 -24.06 -5.00
N VAL C 138 -4.43 -23.19 -5.61
CA VAL C 138 -5.28 -23.56 -6.74
C VAL C 138 -4.98 -22.62 -7.91
N VAL C 139 -4.70 -23.16 -9.09
CA VAL C 139 -4.38 -22.34 -10.25
C VAL C 139 -5.32 -22.55 -11.43
N LEU C 140 -5.74 -21.47 -12.08
CA LEU C 140 -6.62 -21.61 -13.24
C LEU C 140 -5.89 -22.34 -14.36
N LEU C 141 -4.69 -21.88 -14.72
CA LEU C 141 -3.89 -22.52 -15.76
C LEU C 141 -2.54 -23.00 -15.26
N ASP C 142 -1.95 -23.97 -15.95
CA ASP C 142 -0.66 -24.50 -15.54
C ASP C 142 0.20 -24.88 -16.74
N LYS C 143 1.48 -24.53 -16.64
CA LYS C 143 2.50 -24.83 -17.66
C LYS C 143 3.63 -25.53 -16.89
N ARG C 144 3.54 -26.85 -16.76
CA ARG C 144 4.54 -27.63 -16.02
C ARG C 144 5.97 -27.61 -16.54
N GLU C 145 6.12 -27.45 -17.85
CA GLU C 145 7.43 -27.44 -18.48
C GLU C 145 8.18 -26.12 -18.32
N GLY C 146 7.43 -25.02 -18.25
CA GLY C 146 8.04 -23.72 -18.09
C GLY C 146 8.40 -23.33 -16.67
N ARG C 147 8.57 -24.30 -15.78
CA ARG C 147 8.92 -23.98 -14.39
C ARG C 147 10.39 -23.59 -14.23
N ARG C 148 10.60 -22.42 -13.64
CA ARG C 148 11.94 -21.93 -13.43
C ARG C 148 12.37 -22.24 -12.00
N VAL C 149 11.53 -23.01 -11.32
CA VAL C 149 11.77 -23.43 -9.95
C VAL C 149 10.79 -24.56 -9.63
N PRO C 150 11.19 -25.49 -8.75
CA PRO C 150 10.27 -26.58 -8.44
C PRO C 150 9.03 -26.12 -7.68
N PHE C 151 7.87 -26.35 -8.28
CA PHE C 151 6.60 -25.99 -7.66
C PHE C 151 5.44 -26.73 -8.30
N SER C 152 4.53 -27.20 -7.47
CA SER C 152 3.35 -27.92 -7.92
C SER C 152 2.12 -27.42 -7.15
N ALA C 153 1.06 -27.03 -7.87
CA ALA C 153 -0.16 -26.54 -7.23
C ALA C 153 -0.85 -27.66 -6.47
N ASP C 154 -2.01 -27.37 -5.90
CA ASP C 154 -2.78 -28.37 -5.20
C ASP C 154 -4.07 -28.61 -5.96
N TYR C 155 -4.42 -27.67 -6.82
CA TYR C 155 -5.62 -27.83 -7.63
C TYR C 155 -5.45 -27.08 -8.94
N VAL C 156 -5.21 -27.83 -10.00
CA VAL C 156 -5.04 -27.20 -11.30
C VAL C 156 -6.33 -27.38 -12.07
N VAL C 157 -6.89 -26.27 -12.53
CA VAL C 157 -8.12 -26.29 -13.28
C VAL C 157 -7.83 -26.93 -14.64
N ALA C 158 -6.78 -26.45 -15.30
CA ALA C 158 -6.41 -26.97 -16.62
C ALA C 158 -4.93 -26.79 -17.00
N ASN C 159 -4.31 -27.89 -17.46
CA ASN C 159 -2.93 -27.85 -17.90
C ASN C 159 -2.95 -27.37 -19.35
N ILE C 160 -1.91 -26.63 -19.73
CA ILE C 160 -1.82 -26.10 -21.09
C ILE C 160 -0.41 -26.09 -21.61
N PRO C 161 -0.26 -25.95 -22.94
CA PRO C 161 1.06 -25.91 -23.56
C PRO C 161 1.61 -24.48 -23.38
N ASN C 162 2.93 -24.35 -23.40
CA ASN C 162 3.58 -23.06 -23.25
C ASN C 162 3.18 -22.06 -24.35
N ALA C 163 1.89 -21.77 -24.45
CA ALA C 163 1.38 -20.80 -25.42
C ALA C 163 1.14 -19.50 -24.67
N PHE C 164 0.65 -18.47 -25.35
CA PHE C 164 0.38 -17.19 -24.70
C PHE C 164 -1.11 -16.90 -24.73
N VAL C 165 -1.78 -17.30 -23.66
CA VAL C 165 -3.22 -17.10 -23.56
C VAL C 165 -3.59 -15.76 -22.97
N ILE C 166 -4.85 -15.41 -23.17
CA ILE C 166 -5.44 -14.19 -22.66
C ILE C 166 -6.91 -14.44 -22.33
N GLY C 167 -7.56 -13.47 -21.69
CA GLY C 167 -8.96 -13.65 -21.35
C GLY C 167 -9.20 -14.38 -20.03
N TYR C 168 -10.41 -14.19 -19.51
CA TYR C 168 -10.83 -14.77 -18.25
C TYR C 168 -9.86 -14.32 -17.17
N GLY C 169 -9.52 -13.03 -17.22
CA GLY C 169 -8.61 -12.47 -16.23
C GLY C 169 -7.18 -12.26 -16.72
N LEU C 170 -6.63 -13.25 -17.42
CA LEU C 170 -5.26 -13.17 -17.93
C LEU C 170 -5.19 -12.04 -18.94
N ASP C 171 -4.02 -11.42 -19.05
CA ASP C 171 -3.84 -10.29 -19.97
C ASP C 171 -2.62 -10.34 -20.88
N TYR C 172 -2.49 -9.26 -21.65
CA TYR C 172 -1.39 -9.02 -22.56
C TYR C 172 -1.33 -7.50 -22.67
N ASP C 173 -0.28 -6.92 -22.10
CA ASP C 173 -0.13 -5.48 -22.10
C ASP C 173 -1.34 -4.82 -21.42
N ASP C 174 -1.78 -5.43 -20.30
CA ASP C 174 -2.91 -4.92 -19.52
C ASP C 174 -4.16 -4.80 -20.40
N THR C 175 -4.39 -5.82 -21.22
CA THR C 175 -5.54 -5.85 -22.12
C THR C 175 -6.11 -7.26 -22.27
N TYR C 176 -7.38 -7.35 -22.66
CA TYR C 176 -8.07 -8.64 -22.84
C TYR C 176 -8.41 -9.39 -21.56
N ARG C 177 -8.35 -8.75 -20.40
CA ARG C 177 -8.66 -9.45 -19.15
C ARG C 177 -10.14 -9.77 -19.02
N GLU C 178 -10.99 -9.01 -19.72
CA GLU C 178 -12.44 -9.20 -19.63
C GLU C 178 -13.07 -10.29 -20.49
N LEU C 179 -12.29 -10.95 -21.33
CA LEU C 179 -12.84 -12.01 -22.17
C LEU C 179 -13.50 -13.08 -21.32
N ARG C 180 -14.58 -13.66 -21.84
CA ARG C 180 -15.31 -14.72 -21.14
C ARG C 180 -14.63 -16.07 -21.34
N ASP C 181 -13.86 -16.19 -22.41
CA ASP C 181 -13.16 -17.44 -22.73
C ASP C 181 -11.65 -17.27 -22.74
N ILE C 182 -10.93 -18.35 -22.45
CA ILE C 182 -9.47 -18.32 -22.47
C ILE C 182 -9.09 -18.56 -23.95
N VAL C 183 -8.39 -17.60 -24.57
CA VAL C 183 -7.99 -17.77 -25.95
C VAL C 183 -6.51 -17.50 -26.14
N VAL C 184 -5.98 -17.88 -27.29
CA VAL C 184 -4.57 -17.65 -27.58
C VAL C 184 -4.43 -16.44 -28.48
N LEU C 185 -3.57 -15.51 -28.09
CA LEU C 185 -3.33 -14.30 -28.86
C LEU C 185 -2.50 -14.69 -30.10
N ARG C 186 -2.97 -14.31 -31.27
CA ARG C 186 -2.25 -14.63 -32.49
C ARG C 186 -1.03 -13.71 -32.62
N PRO C 187 0.13 -14.27 -33.01
CA PRO C 187 1.39 -13.54 -33.19
C PRO C 187 1.27 -12.19 -33.85
N GLU C 188 0.54 -12.12 -34.96
CA GLU C 188 0.34 -10.89 -35.70
C GLU C 188 0.09 -9.70 -34.81
N VAL C 189 -0.62 -9.93 -33.72
CA VAL C 189 -0.95 -8.88 -32.76
C VAL C 189 0.22 -8.69 -31.80
N TYR C 190 0.73 -9.78 -31.27
CA TYR C 190 1.84 -9.71 -30.33
C TYR C 190 3.02 -8.97 -30.92
N ALA C 191 3.10 -8.96 -32.26
CA ALA C 191 4.18 -8.29 -32.96
C ALA C 191 3.81 -6.88 -33.38
N GLU C 192 2.59 -6.71 -33.88
CA GLU C 192 2.12 -5.40 -34.32
C GLU C 192 2.02 -4.44 -33.15
N ARG C 193 1.82 -4.98 -31.94
CA ARG C 193 1.71 -4.16 -30.75
C ARG C 193 3.13 -3.81 -30.26
N GLU C 194 4.09 -4.70 -30.50
CA GLU C 194 5.47 -4.43 -30.09
C GLU C 194 6.06 -3.40 -31.04
N ALA C 195 5.56 -2.16 -30.97
CA ALA C 195 6.03 -1.09 -31.82
C ALA C 195 6.43 0.24 -31.16
N ALA C 196 7.41 0.88 -31.81
CA ALA C 196 7.98 2.19 -31.44
C ALA C 196 7.66 2.73 -30.04
N PRO D 2 -34.71 -21.57 -5.70
CA PRO D 2 -34.71 -22.72 -4.78
C PRO D 2 -33.52 -22.68 -3.82
N ARG D 3 -32.89 -21.51 -3.73
CA ARG D 3 -31.76 -21.32 -2.83
C ARG D 3 -32.27 -20.75 -1.52
N GLU D 4 -31.74 -21.27 -0.42
CA GLU D 4 -32.17 -20.85 0.92
C GLU D 4 -30.99 -20.62 1.87
N TYR D 5 -31.08 -19.56 2.68
CA TYR D 5 -30.02 -19.28 3.63
C TYR D 5 -30.64 -19.07 4.99
N GLU D 6 -30.34 -19.98 5.91
CA GLU D 6 -30.86 -19.91 7.25
C GLU D 6 -30.63 -18.52 7.86
N PHE D 7 -29.43 -17.98 7.64
CA PHE D 7 -29.03 -16.68 8.17
C PHE D 7 -29.63 -15.46 7.47
N ALA D 8 -30.44 -15.68 6.44
CA ALA D 8 -31.08 -14.56 5.73
C ALA D 8 -32.56 -14.49 6.07
N GLU D 9 -33.11 -13.26 6.10
CA GLU D 9 -34.53 -13.08 6.42
C GLU D 9 -35.36 -13.19 5.15
N LYS D 10 -34.73 -12.88 4.02
CA LYS D 10 -35.38 -12.95 2.72
C LYS D 10 -34.31 -12.97 1.64
N ILE D 11 -34.71 -12.65 0.40
CA ILE D 11 -33.80 -12.63 -0.73
C ILE D 11 -34.25 -11.51 -1.66
N LEU D 12 -33.37 -10.55 -1.88
CA LEU D 12 -33.70 -9.40 -2.72
C LEU D 12 -33.55 -9.65 -4.21
N PHE D 13 -32.44 -10.28 -4.58
CA PHE D 13 -32.18 -10.59 -5.97
C PHE D 13 -31.46 -11.92 -6.10
N THR D 14 -31.74 -12.64 -7.17
CA THR D 14 -31.13 -13.93 -7.42
C THR D 14 -30.01 -13.74 -8.42
N GLU D 15 -29.08 -14.68 -8.44
CA GLU D 15 -27.97 -14.64 -9.38
C GLU D 15 -28.43 -14.24 -10.78
N GLU D 16 -29.46 -14.92 -11.27
CA GLU D 16 -30.01 -14.65 -12.60
C GLU D 16 -30.61 -13.25 -12.74
N GLU D 17 -31.34 -12.84 -11.71
CA GLU D 17 -31.95 -11.52 -11.72
C GLU D 17 -30.85 -10.50 -11.84
N ILE D 18 -29.76 -10.74 -11.10
CA ILE D 18 -28.62 -9.85 -11.11
C ILE D 18 -27.97 -9.79 -12.49
N ARG D 19 -27.73 -10.96 -13.06
CA ARG D 19 -27.10 -11.08 -14.37
C ARG D 19 -27.85 -10.25 -15.42
N THR D 20 -29.18 -10.28 -15.38
CA THR D 20 -30.02 -9.55 -16.33
C THR D 20 -29.89 -8.03 -16.23
N ARG D 21 -30.01 -7.50 -15.02
CA ARG D 21 -29.90 -6.05 -14.80
C ARG D 21 -28.50 -5.57 -15.20
N ILE D 22 -27.49 -6.37 -14.90
CA ILE D 22 -26.13 -6.00 -15.24
C ILE D 22 -25.97 -5.94 -16.76
N LYS D 23 -26.42 -6.99 -17.44
CA LYS D 23 -26.35 -7.07 -18.90
C LYS D 23 -27.04 -5.85 -19.49
N GLU D 24 -28.08 -5.40 -18.79
CA GLU D 24 -28.89 -4.26 -19.20
C GLU D 24 -28.11 -2.95 -19.08
N VAL D 25 -27.60 -2.67 -17.88
CA VAL D 25 -26.84 -1.45 -17.65
C VAL D 25 -25.60 -1.49 -18.52
N ALA D 26 -25.05 -2.68 -18.70
CA ALA D 26 -23.87 -2.83 -19.53
C ALA D 26 -24.20 -2.19 -20.88
N LYS D 27 -25.18 -2.77 -21.56
CA LYS D 27 -25.62 -2.27 -22.85
C LYS D 27 -25.80 -0.75 -22.80
N ARG D 28 -26.45 -0.28 -21.75
CA ARG D 28 -26.69 1.15 -21.60
C ARG D 28 -25.37 1.93 -21.50
N ILE D 29 -24.34 1.28 -20.95
CA ILE D 29 -23.03 1.92 -20.80
C ILE D 29 -22.30 2.00 -22.13
N ALA D 30 -22.36 0.91 -22.90
CA ALA D 30 -21.70 0.85 -24.19
C ALA D 30 -22.26 1.89 -25.13
N ASP D 31 -23.57 2.14 -25.01
CA ASP D 31 -24.25 3.11 -25.84
C ASP D 31 -23.84 4.55 -25.57
N ASP D 32 -23.54 4.86 -24.31
CA ASP D 32 -23.14 6.21 -23.96
C ASP D 32 -21.71 6.51 -24.41
N TYR D 33 -20.89 5.48 -24.48
CA TYR D 33 -19.49 5.66 -24.89
C TYR D 33 -19.27 5.43 -26.39
N LYS D 34 -20.32 4.97 -27.08
CA LYS D 34 -20.25 4.72 -28.51
C LYS D 34 -19.50 5.80 -29.30
N GLY D 35 -19.79 7.05 -29.02
CA GLY D 35 -19.16 8.14 -29.75
C GLY D 35 -17.94 8.77 -29.10
N LYS D 36 -17.32 8.04 -28.17
CA LYS D 36 -16.14 8.56 -27.49
C LYS D 36 -14.85 8.01 -28.11
N GLY D 37 -15.00 6.97 -28.91
CA GLY D 37 -13.85 6.37 -29.57
C GLY D 37 -13.02 5.45 -28.71
N LEU D 38 -13.67 4.56 -27.97
CA LEU D 38 -12.92 3.64 -27.14
C LEU D 38 -12.04 2.77 -28.01
N ARG D 39 -10.92 2.32 -27.45
CA ARG D 39 -9.95 1.52 -28.19
C ARG D 39 -9.03 0.71 -27.29
N PRO D 40 -8.78 -0.56 -27.64
CA PRO D 40 -7.89 -1.37 -26.81
C PRO D 40 -6.48 -0.79 -26.89
N TYR D 41 -5.75 -0.85 -25.78
CA TYR D 41 -4.39 -0.34 -25.70
C TYR D 41 -4.22 1.18 -25.53
N VAL D 42 -4.87 1.98 -26.36
CA VAL D 42 -4.71 3.42 -26.27
C VAL D 42 -5.81 4.21 -25.54
N ASN D 43 -7.07 3.88 -25.83
CA ASN D 43 -8.16 4.61 -25.22
C ASN D 43 -9.21 3.68 -24.61
N PRO D 44 -8.81 2.85 -23.63
CA PRO D 44 -9.81 1.95 -23.04
C PRO D 44 -10.59 2.64 -21.94
N LEU D 45 -11.75 2.08 -21.62
CA LEU D 45 -12.58 2.58 -20.55
C LEU D 45 -11.99 1.92 -19.30
N VAL D 46 -11.18 2.68 -18.57
CA VAL D 46 -10.55 2.17 -17.35
C VAL D 46 -11.60 1.98 -16.26
N LEU D 47 -11.63 0.78 -15.68
CA LEU D 47 -12.59 0.46 -14.63
C LEU D 47 -11.90 0.39 -13.27
N ILE D 48 -12.12 1.39 -12.43
CA ILE D 48 -11.52 1.39 -11.10
C ILE D 48 -12.38 0.57 -10.15
N SER D 49 -12.10 -0.71 -10.11
CA SER D 49 -12.82 -1.64 -9.27
C SER D 49 -12.47 -1.44 -7.81
N VAL D 50 -13.38 -0.86 -7.02
CA VAL D 50 -13.11 -0.61 -5.61
C VAL D 50 -13.20 -1.82 -4.70
N LEU D 51 -12.07 -2.43 -4.41
CA LEU D 51 -12.04 -3.58 -3.52
C LEU D 51 -12.53 -3.16 -2.12
N ARG D 52 -13.17 -4.08 -1.40
CA ARG D 52 -13.39 -5.41 -1.91
C ARG D 52 -14.82 -5.80 -2.15
N GLY D 53 -15.72 -4.94 -1.72
CA GLY D 53 -17.12 -5.22 -1.90
C GLY D 53 -17.56 -5.55 -3.33
N SER D 54 -16.93 -4.89 -4.31
CA SER D 54 -17.27 -5.06 -5.73
C SER D 54 -16.53 -6.14 -6.53
N PHE D 55 -15.77 -7.00 -5.88
CA PHE D 55 -15.04 -7.99 -6.66
C PHE D 55 -15.93 -8.86 -7.53
N MET D 56 -17.08 -9.29 -7.01
CA MET D 56 -17.99 -10.13 -7.79
C MET D 56 -18.71 -9.35 -8.89
N PHE D 57 -19.29 -8.22 -8.52
CA PHE D 57 -19.97 -7.38 -9.49
C PHE D 57 -19.00 -6.97 -10.62
N THR D 58 -17.72 -6.86 -10.29
CA THR D 58 -16.71 -6.44 -11.29
C THR D 58 -16.46 -7.55 -12.28
N ALA D 59 -16.29 -8.75 -11.75
CA ALA D 59 -16.06 -9.92 -12.58
C ALA D 59 -17.12 -9.94 -13.69
N ASP D 60 -18.38 -10.06 -13.29
CA ASP D 60 -19.48 -10.11 -14.23
C ASP D 60 -19.66 -8.85 -15.06
N LEU D 61 -19.52 -7.68 -14.43
CA LEU D 61 -19.71 -6.42 -15.15
C LEU D 61 -18.83 -6.22 -16.38
N CYS D 62 -17.58 -6.63 -16.27
CA CYS D 62 -16.66 -6.46 -17.41
C CYS D 62 -17.03 -7.46 -18.49
N ARG D 63 -17.25 -8.72 -18.08
CA ARG D 63 -17.63 -9.74 -19.03
C ARG D 63 -18.81 -9.23 -19.84
N ALA D 64 -19.81 -8.68 -19.16
CA ALA D 64 -20.99 -8.16 -19.84
C ALA D 64 -20.59 -7.05 -20.80
N LEU D 65 -19.68 -6.19 -20.37
CA LEU D 65 -19.23 -5.11 -21.21
C LEU D 65 -18.50 -5.61 -22.45
N CYS D 66 -17.94 -6.82 -22.38
CA CYS D 66 -17.23 -7.41 -23.52
C CYS D 66 -18.27 -7.79 -24.57
N ASP D 67 -19.34 -8.44 -24.10
CA ASP D 67 -20.45 -8.86 -24.95
C ASP D 67 -20.92 -7.68 -25.82
N PHE D 68 -20.69 -6.46 -25.35
CA PHE D 68 -21.08 -5.30 -26.11
C PHE D 68 -19.88 -4.59 -26.68
N ASN D 69 -18.82 -5.35 -26.85
CA ASN D 69 -17.57 -4.86 -27.42
C ASN D 69 -17.12 -3.48 -26.93
N VAL D 70 -16.81 -3.40 -25.65
CA VAL D 70 -16.32 -2.15 -25.07
C VAL D 70 -14.96 -2.50 -24.49
N PRO D 71 -13.89 -1.94 -25.05
CA PRO D 71 -12.55 -2.24 -24.53
C PRO D 71 -12.37 -1.59 -23.15
N VAL D 72 -11.93 -2.38 -22.18
CA VAL D 72 -11.74 -1.86 -20.84
C VAL D 72 -10.38 -2.27 -20.32
N ARG D 73 -9.95 -1.59 -19.24
CA ARG D 73 -8.69 -1.87 -18.56
C ARG D 73 -9.06 -2.06 -17.10
N MET D 74 -8.69 -3.19 -16.54
CA MET D 74 -9.03 -3.46 -15.15
C MET D 74 -8.07 -2.90 -14.09
N GLU D 75 -8.57 -1.96 -13.29
CA GLU D 75 -7.81 -1.35 -12.22
C GLU D 75 -8.45 -1.76 -10.89
N PHE D 76 -7.63 -1.97 -9.87
CA PHE D 76 -8.15 -2.36 -8.57
C PHE D 76 -7.59 -1.56 -7.42
N ILE D 77 -8.44 -0.77 -6.77
CA ILE D 77 -7.99 -0.02 -5.62
C ILE D 77 -8.67 -0.60 -4.38
N CYS D 78 -8.16 -0.25 -3.22
CA CYS D 78 -8.74 -0.77 -2.00
C CYS D 78 -8.82 0.41 -1.05
N VAL D 79 -9.99 0.56 -0.44
CA VAL D 79 -10.25 1.64 0.49
C VAL D 79 -10.81 1.05 1.75
N SER D 80 -10.70 1.79 2.85
CA SER D 80 -11.16 1.28 4.14
C SER D 80 -11.64 2.44 5.02
N SER D 81 -12.29 2.12 6.12
CA SER D 81 -12.77 3.16 7.02
C SER D 81 -11.88 3.27 8.26
N TYR D 82 -11.93 4.44 8.92
CA TYR D 82 -11.11 4.66 10.12
C TYR D 82 -11.87 4.36 11.41
N VAL D 92 -11.77 8.38 3.68
CA VAL D 92 -11.48 6.91 3.59
C VAL D 92 -9.98 6.63 3.44
N ARG D 93 -9.55 5.56 4.11
CA ARG D 93 -8.16 5.15 4.14
C ARG D 93 -7.75 4.37 2.88
N MET D 94 -6.86 4.94 2.09
CA MET D 94 -6.41 4.25 0.87
C MET D 94 -5.31 3.24 1.14
N LEU D 95 -5.61 1.97 0.87
CA LEU D 95 -4.67 0.89 1.10
C LEU D 95 -3.99 0.40 -0.18
N LEU D 96 -4.60 0.71 -1.33
CA LEU D 96 -4.08 0.32 -2.65
C LEU D 96 -4.61 1.29 -3.70
N ASP D 97 -3.73 1.88 -4.49
CA ASP D 97 -4.15 2.82 -5.55
C ASP D 97 -4.08 2.13 -6.91
N THR D 98 -4.46 2.83 -7.98
CA THR D 98 -4.44 2.25 -9.32
C THR D 98 -3.04 1.87 -9.74
N ARG D 99 -2.93 0.91 -10.65
CA ARG D 99 -1.64 0.45 -11.13
C ARG D 99 -0.99 1.45 -12.09
N HIS D 100 -1.79 2.10 -12.93
CA HIS D 100 -1.27 3.10 -13.87
C HIS D 100 -2.04 4.38 -13.77
N SER D 101 -1.61 5.37 -14.54
CA SER D 101 -2.27 6.68 -14.55
C SER D 101 -3.67 6.60 -15.14
N ILE D 102 -4.53 7.51 -14.71
CA ILE D 102 -5.87 7.54 -15.25
C ILE D 102 -6.00 8.79 -16.08
N GLU D 103 -4.98 9.64 -16.05
CA GLU D 103 -5.01 10.90 -16.80
C GLU D 103 -5.24 10.66 -18.28
N GLY D 104 -6.09 11.49 -18.89
CA GLY D 104 -6.37 11.37 -20.31
C GLY D 104 -7.15 10.14 -20.70
N HIS D 105 -7.72 9.43 -19.73
CA HIS D 105 -8.48 8.23 -20.03
C HIS D 105 -9.89 8.43 -19.55
N HIS D 106 -10.78 7.56 -20.00
CA HIS D 106 -12.17 7.59 -19.57
C HIS D 106 -12.19 6.57 -18.45
N VAL D 107 -12.61 7.01 -17.27
CA VAL D 107 -12.66 6.11 -16.14
C VAL D 107 -14.07 5.86 -15.66
N LEU D 108 -14.29 4.65 -15.16
CA LEU D 108 -15.57 4.26 -14.62
C LEU D 108 -15.28 3.67 -13.25
N ILE D 109 -15.70 4.35 -12.20
CA ILE D 109 -15.46 3.80 -10.87
C ILE D 109 -16.54 2.76 -10.61
N VAL D 110 -16.15 1.59 -10.14
CA VAL D 110 -17.08 0.49 -9.87
C VAL D 110 -17.23 0.23 -8.37
N GLU D 111 -18.27 0.80 -7.76
CA GLU D 111 -18.53 0.62 -6.32
C GLU D 111 -19.64 -0.38 -6.11
N ASP D 112 -19.54 -1.15 -5.02
CA ASP D 112 -20.54 -2.18 -4.72
C ASP D 112 -21.92 -1.64 -4.33
N ILE D 113 -21.95 -0.70 -3.40
CA ILE D 113 -23.24 -0.14 -2.96
C ILE D 113 -23.09 1.23 -2.33
N VAL D 114 -23.72 2.24 -2.93
CA VAL D 114 -23.63 3.59 -2.40
C VAL D 114 -24.76 3.83 -1.41
N ASP D 115 -24.39 4.11 -0.16
CA ASP D 115 -25.34 4.32 0.93
C ASP D 115 -25.38 5.81 1.33
N THR D 116 -24.39 6.23 2.11
CA THR D 116 -24.32 7.63 2.53
C THR D 116 -23.63 8.42 1.42
N ALA D 117 -22.85 7.73 0.59
CA ALA D 117 -22.12 8.34 -0.52
C ALA D 117 -20.83 9.05 -0.09
N LEU D 118 -20.47 8.90 1.18
CA LEU D 118 -19.26 9.54 1.67
C LEU D 118 -18.06 8.96 0.93
N THR D 119 -18.08 7.66 0.68
CA THR D 119 -16.97 7.03 -0.02
C THR D 119 -16.92 7.46 -1.49
N LEU D 120 -17.99 7.14 -2.24
CA LEU D 120 -18.06 7.49 -3.65
C LEU D 120 -17.80 8.97 -3.87
N ASN D 121 -18.40 9.81 -3.04
CA ASN D 121 -18.17 11.24 -3.17
C ASN D 121 -16.67 11.51 -3.07
N TYR D 122 -16.01 10.91 -2.09
CA TYR D 122 -14.58 11.11 -1.86
C TYR D 122 -13.72 10.59 -3.00
N LEU D 123 -13.99 9.35 -3.41
CA LEU D 123 -13.24 8.75 -4.49
C LEU D 123 -13.40 9.52 -5.81
N TYR D 124 -14.62 9.98 -6.07
CA TYR D 124 -14.93 10.73 -7.28
C TYR D 124 -14.07 11.99 -7.41
N HIS D 125 -14.12 12.88 -6.41
CA HIS D 125 -13.33 14.10 -6.47
C HIS D 125 -11.84 13.77 -6.49
N MET D 126 -11.46 12.70 -5.82
CA MET D 126 -10.06 12.30 -5.77
C MET D 126 -9.51 12.07 -7.17
N TYR D 127 -10.10 11.12 -7.88
CA TYR D 127 -9.62 10.81 -9.22
C TYR D 127 -9.96 11.90 -10.23
N PHE D 128 -11.04 12.63 -9.99
CA PHE D 128 -11.46 13.69 -10.90
C PHE D 128 -10.41 14.80 -11.00
N THR D 129 -9.62 14.96 -9.94
CA THR D 129 -8.58 15.98 -9.90
C THR D 129 -7.29 15.46 -10.53
N ARG D 130 -7.34 14.23 -11.03
CA ARG D 130 -6.20 13.62 -11.68
C ARG D 130 -6.38 13.72 -13.20
N ARG D 131 -7.13 14.75 -13.60
CA ARG D 131 -7.44 15.07 -14.99
C ARG D 131 -7.74 13.89 -15.92
N PRO D 132 -8.82 13.15 -15.65
CA PRO D 132 -9.16 12.03 -16.52
C PRO D 132 -9.99 12.56 -17.70
N ALA D 133 -10.01 11.83 -18.81
CA ALA D 133 -10.77 12.25 -19.97
C ALA D 133 -12.23 12.47 -19.60
N SER D 134 -12.68 11.70 -18.61
CA SER D 134 -14.04 11.82 -18.13
C SER D 134 -14.20 10.81 -17.03
N LEU D 135 -15.04 11.12 -16.06
CA LEU D 135 -15.23 10.24 -14.93
C LEU D 135 -16.70 9.96 -14.67
N LYS D 136 -17.07 8.69 -14.64
CA LYS D 136 -18.44 8.31 -14.38
C LYS D 136 -18.45 7.27 -13.27
N THR D 137 -19.64 6.84 -12.84
CA THR D 137 -19.76 5.90 -11.74
C THR D 137 -20.89 4.87 -11.86
N VAL D 138 -20.59 3.63 -11.50
CA VAL D 138 -21.57 2.56 -11.57
C VAL D 138 -21.62 1.75 -10.26
N VAL D 139 -22.81 1.62 -9.67
CA VAL D 139 -22.95 0.88 -8.42
C VAL D 139 -23.98 -0.25 -8.46
N LEU D 140 -23.60 -1.40 -7.92
CA LEU D 140 -24.48 -2.56 -7.89
C LEU D 140 -25.78 -2.28 -7.13
N LEU D 141 -25.72 -1.43 -6.11
CA LEU D 141 -26.91 -1.11 -5.32
C LEU D 141 -26.89 0.35 -4.87
N ASP D 142 -28.07 0.97 -4.80
CA ASP D 142 -28.21 2.36 -4.36
C ASP D 142 -29.22 2.41 -3.21
N LYS D 143 -28.85 2.97 -2.07
CA LYS D 143 -29.77 3.04 -0.95
C LYS D 143 -30.53 4.36 -0.88
N ARG D 144 -30.30 5.22 -1.87
CA ARG D 144 -30.96 6.53 -2.00
C ARG D 144 -31.23 7.27 -0.68
N GLU D 145 -32.14 6.72 0.10
CA GLU D 145 -32.53 7.30 1.37
C GLU D 145 -31.53 7.02 2.50
N GLY D 146 -30.26 7.28 2.24
CA GLY D 146 -29.24 7.06 3.25
C GLY D 146 -28.11 8.05 3.10
N ARG D 147 -28.17 8.83 2.02
CA ARG D 147 -27.17 9.84 1.71
C ARG D 147 -26.92 10.77 2.88
N ARG D 148 -25.65 11.14 3.06
CA ARG D 148 -25.22 12.06 4.12
C ARG D 148 -24.64 13.23 3.38
N VAL D 149 -24.47 13.03 2.08
CA VAL D 149 -23.94 14.05 1.20
C VAL D 149 -24.65 13.76 -0.11
N PRO D 150 -24.89 14.80 -0.92
CA PRO D 150 -25.56 14.65 -2.21
C PRO D 150 -24.71 13.99 -3.29
N PHE D 151 -25.11 12.80 -3.73
CA PHE D 151 -24.35 12.12 -4.76
C PHE D 151 -25.17 11.12 -5.57
N SER D 152 -25.00 11.18 -6.88
CA SER D 152 -25.72 10.31 -7.79
C SER D 152 -24.76 9.51 -8.69
N ALA D 153 -24.99 8.20 -8.74
CA ALA D 153 -24.17 7.30 -9.55
C ALA D 153 -24.74 7.23 -10.96
N ASP D 154 -23.94 7.59 -11.94
CA ASP D 154 -24.34 7.57 -13.34
C ASP D 154 -25.13 6.30 -13.71
N TYR D 155 -24.68 5.15 -13.21
CA TYR D 155 -25.37 3.91 -13.50
C TYR D 155 -25.73 3.17 -12.22
N VAL D 156 -26.97 2.71 -12.14
CA VAL D 156 -27.44 1.99 -10.97
C VAL D 156 -28.02 0.64 -11.38
N VAL D 157 -27.51 -0.42 -10.78
CA VAL D 157 -28.01 -1.75 -11.10
C VAL D 157 -29.38 -1.94 -10.48
N ALA D 158 -29.53 -1.59 -9.21
CA ALA D 158 -30.80 -1.73 -8.51
C ALA D 158 -30.89 -0.80 -7.31
N ASN D 159 -32.08 -0.26 -7.06
CA ASN D 159 -32.28 0.60 -5.90
C ASN D 159 -32.88 -0.25 -4.78
N ILE D 160 -32.36 -0.12 -3.57
CA ILE D 160 -32.88 -0.89 -2.46
C ILE D 160 -33.19 -0.06 -1.25
N PRO D 161 -34.04 -0.59 -0.36
CA PRO D 161 -34.43 0.07 0.87
C PRO D 161 -33.37 -0.20 1.94
N ASN D 162 -33.17 0.76 2.82
CA ASN D 162 -32.18 0.60 3.88
C ASN D 162 -32.38 -0.75 4.56
N ALA D 163 -31.32 -1.56 4.51
CA ALA D 163 -31.33 -2.89 5.12
C ALA D 163 -29.92 -3.43 4.98
N PHE D 164 -29.56 -4.42 5.80
CA PHE D 164 -28.22 -4.96 5.71
C PHE D 164 -28.14 -6.13 4.74
N VAL D 165 -27.64 -5.84 3.54
CA VAL D 165 -27.51 -6.84 2.49
C VAL D 165 -26.16 -7.54 2.54
N ILE D 166 -26.15 -8.77 2.05
CA ILE D 166 -24.95 -9.57 2.01
C ILE D 166 -25.01 -10.48 0.78
N GLY D 167 -23.85 -10.98 0.35
CA GLY D 167 -23.80 -11.84 -0.81
C GLY D 167 -23.43 -11.07 -2.06
N TYR D 168 -23.08 -11.81 -3.11
CA TYR D 168 -22.67 -11.25 -4.40
C TYR D 168 -21.59 -10.20 -4.18
N GLY D 169 -20.61 -10.52 -3.35
CA GLY D 169 -19.54 -9.59 -3.08
C GLY D 169 -19.75 -8.73 -1.85
N LEU D 170 -21.01 -8.41 -1.56
CA LEU D 170 -21.35 -7.63 -0.38
C LEU D 170 -21.05 -8.47 0.85
N ASP D 171 -20.80 -7.83 2.00
CA ASP D 171 -20.49 -8.61 3.19
C ASP D 171 -20.96 -8.12 4.55
N TYR D 172 -20.60 -8.93 5.53
CA TYR D 172 -20.83 -8.66 6.93
C TYR D 172 -19.66 -9.29 7.67
N ASP D 173 -18.79 -8.46 8.24
CA ASP D 173 -17.64 -8.94 8.96
C ASP D 173 -16.84 -9.91 8.08
N ASP D 174 -16.76 -9.58 6.79
CA ASP D 174 -16.05 -10.44 5.82
C ASP D 174 -16.67 -11.83 5.67
N THR D 175 -18.00 -11.87 5.69
CA THR D 175 -18.72 -13.12 5.55
C THR D 175 -19.87 -12.97 4.56
N TYR D 176 -20.19 -14.05 3.87
CA TYR D 176 -21.28 -14.08 2.90
C TYR D 176 -20.98 -13.38 1.58
N ARG D 177 -19.72 -13.10 1.29
CA ARG D 177 -19.37 -12.44 0.03
C ARG D 177 -19.62 -13.40 -1.13
N GLU D 178 -19.37 -14.69 -0.89
CA GLU D 178 -19.51 -15.72 -1.90
C GLU D 178 -20.91 -16.11 -2.36
N LEU D 179 -21.95 -15.58 -1.72
CA LEU D 179 -23.32 -15.92 -2.11
C LEU D 179 -23.57 -15.50 -3.53
N ARG D 180 -24.31 -16.34 -4.26
CA ARG D 180 -24.63 -16.06 -5.65
C ARG D 180 -25.75 -15.03 -5.70
N ASP D 181 -26.49 -14.96 -4.60
CA ASP D 181 -27.63 -14.05 -4.48
C ASP D 181 -27.44 -12.93 -3.46
N ILE D 182 -28.19 -11.86 -3.64
CA ILE D 182 -28.17 -10.71 -2.76
C ILE D 182 -29.29 -10.88 -1.74
N VAL D 183 -28.94 -11.29 -0.53
CA VAL D 183 -29.93 -11.49 0.52
C VAL D 183 -29.74 -10.48 1.63
N VAL D 184 -30.70 -10.42 2.56
CA VAL D 184 -30.57 -9.49 3.67
C VAL D 184 -30.24 -10.29 4.93
N LEU D 185 -29.22 -9.84 5.66
CA LEU D 185 -28.80 -10.53 6.88
C LEU D 185 -29.90 -10.48 7.91
N ARG D 186 -30.13 -11.57 8.60
CA ARG D 186 -31.16 -11.59 9.62
C ARG D 186 -30.67 -10.79 10.82
N PRO D 187 -31.46 -9.79 11.27
CA PRO D 187 -31.01 -9.02 12.42
C PRO D 187 -30.61 -9.93 13.59
N GLU D 188 -31.06 -11.19 13.50
CA GLU D 188 -30.75 -12.20 14.51
C GLU D 188 -29.27 -12.38 14.58
N VAL D 189 -28.69 -12.71 13.44
CA VAL D 189 -27.26 -12.94 13.34
C VAL D 189 -26.46 -11.68 13.66
N TYR D 190 -26.88 -10.54 13.10
CA TYR D 190 -26.19 -9.28 13.34
C TYR D 190 -25.90 -9.13 14.83
N ALA D 191 -26.94 -9.25 15.64
CA ALA D 191 -26.79 -9.14 17.09
C ALA D 191 -25.94 -10.27 17.64
N GLU D 192 -26.45 -11.49 17.53
CA GLU D 192 -25.72 -12.65 18.02
C GLU D 192 -24.27 -12.64 17.58
N ARG D 193 -24.00 -11.93 16.48
CA ARG D 193 -22.64 -11.88 15.96
C ARG D 193 -21.74 -10.82 16.58
N GLU D 194 -22.16 -9.57 16.48
CA GLU D 194 -21.40 -8.45 17.00
C GLU D 194 -21.18 -8.59 18.50
N ALA D 195 -22.18 -9.16 19.17
CA ALA D 195 -22.12 -9.37 20.60
C ALA D 195 -21.09 -10.45 20.91
N ALA D 196 -21.18 -11.53 20.14
CA ALA D 196 -20.28 -12.68 20.28
C ALA D 196 -18.82 -12.29 20.14
N ARG D 197 -18.58 -11.09 19.63
CA ARG D 197 -17.23 -10.58 19.48
C ARG D 197 -16.97 -9.67 20.67
N GLN D 198 -16.83 -10.27 21.85
CA GLN D 198 -16.59 -9.54 23.09
C GLN D 198 -16.30 -10.50 24.23
P IMP E . 9.58 -5.08 19.24
O1P IMP E . 10.37 -5.59 20.39
O2P IMP E . 10.30 -4.34 18.18
O3P IMP E . 8.77 -6.18 18.65
O5' IMP E . 8.54 -4.05 19.88
C5' IMP E . 7.33 -3.71 19.21
C4' IMP E . 7.14 -2.20 19.18
O4' IMP E . 6.69 -1.71 20.47
C3' IMP E . 8.38 -1.37 18.91
O3' IMP E . 8.70 -1.36 17.51
C2' IMP E . 7.95 0.02 19.41
O2' IMP E . 7.17 0.74 18.47
C1' IMP E . 7.06 -0.34 20.60
N9 IMP E . 7.68 -0.13 21.91
C8 IMP E . 8.40 -1.05 22.64
N7 IMP E . 8.81 -0.58 23.79
C5 IMP E . 8.33 0.72 23.83
C6 IMP E . 8.46 1.72 24.82
O6 IMP E . 9.05 1.64 25.90
N1 IMP E . 7.82 2.88 24.46
C2 IMP E . 7.14 3.08 23.28
N3 IMP E . 7.02 2.17 22.34
C4 IMP E . 7.63 1.02 22.67
P IMP F . 6.22 18.59 -7.92
O1P IMP F . 6.88 19.04 -9.16
O2P IMP F . 5.73 19.62 -6.95
O3P IMP F . 5.12 17.63 -8.27
O5' IMP F . 7.34 17.78 -7.11
C5' IMP F . 7.09 16.45 -6.66
C4' IMP F . 8.32 15.89 -5.96
O4' IMP F . 9.47 15.99 -6.84
C3' IMP F . 8.79 16.60 -4.71
O3' IMP F . 8.05 16.19 -3.56
C2' IMP F . 10.25 16.14 -4.60
O2' IMP F . 10.35 14.90 -3.92
C1' IMP F . 10.65 15.95 -6.06
N9 IMP F . 11.60 16.92 -6.57
C8 IMP F . 11.34 18.09 -7.25
N7 IMP F . 12.41 18.77 -7.54
C5 IMP F . 13.45 18.01 -7.02
C6 IMP F . 14.86 18.26 -7.00
O6 IMP F . 15.47 19.21 -7.44
N1 IMP F . 15.54 17.23 -6.38
C2 IMP F . 14.96 16.12 -5.83
N3 IMP F . 13.66 15.88 -5.82
C4 IMP F . 12.97 16.87 -6.43
P IMP G . 4.81 -16.68 -13.07
O1P IMP G . 5.57 -17.46 -14.08
O2P IMP G . 3.97 -17.43 -12.10
O3P IMP G . 5.72 -15.75 -12.34
O5' IMP G . 3.81 -15.78 -13.94
C5' IMP G . 3.78 -14.36 -13.77
C4' IMP G . 2.66 -13.74 -14.58
O4' IMP G . 2.94 -13.83 -15.99
C3' IMP G . 1.29 -14.41 -14.44
O3' IMP G . 0.63 -13.99 -13.26
C2' IMP G . 0.58 -13.88 -15.69
O2' IMP G . 0.08 -12.58 -15.51
C1' IMP G . 1.72 -13.84 -16.71
N9 IMP G . 1.74 -14.97 -17.65
C8 IMP G . 2.51 -16.10 -17.57
N7 IMP G . 2.33 -16.91 -18.59
C5 IMP G . 1.38 -16.26 -19.38
C6 IMP G . 0.81 -16.64 -20.61
O6 IMP G . 1.03 -17.64 -21.29
N1 IMP G . -0.12 -15.71 -21.06
C2 IMP G . -0.43 -14.54 -20.41
N3 IMP G . 0.11 -14.17 -19.26
C4 IMP G . 1.00 -15.07 -18.81
P IMP H . -21.04 4.78 1.81
O1P IMP H . -22.08 4.94 2.85
O2P IMP H . -21.36 5.17 0.42
O3P IMP H . -19.78 5.45 2.24
O5' IMP H . -20.73 3.20 1.77
C5' IMP H . -19.38 2.71 1.90
C4' IMP H . -19.33 1.19 1.78
O4' IMP H . -20.15 0.60 2.81
C3' IMP H . -19.85 0.55 0.50
O3' IMP H . -18.88 0.58 -0.55
C2' IMP H . -20.11 -0.90 0.94
O2' IMP H . -18.97 -1.73 0.82
C1' IMP H . -20.48 -0.73 2.42
N9 IMP H . -21.87 -0.99 2.72
C8 IMP H . -22.91 -0.08 2.77
N7 IMP H . -24.06 -0.63 3.01
C5 IMP H . -23.79 -1.98 3.14
C6 IMP H . -24.64 -3.08 3.39
O6 IMP H . -25.87 -3.07 3.55
N1 IMP H . -23.95 -4.27 3.44
C2 IMP H . -22.59 -4.41 3.29
N3 IMP H . -21.77 -3.39 3.05
C4 IMP H . -22.44 -2.21 2.98
#